data_4QFH
#
_entry.id   4QFH
#
_cell.length_a   69.840
_cell.length_b   127.030
_cell.length_c   72.400
_cell.angle_alpha   90.00
_cell.angle_beta   109.74
_cell.angle_gamma   90.00
#
_symmetry.space_group_name_H-M   'P 1 21 1'
#
loop_
_entity.id
_entity.type
_entity.pdbx_description
1 polymer 'Glucose-6-phosphate isomerase'
2 non-polymer 6-O-phosphono-alpha-D-glucopyranose
3 water water
#
_entity_poly.entity_id   1
_entity_poly.type   'polypeptide(L)'
_entity_poly.pdbx_seq_one_letter_code
;MAHHHHHHMKDQYLKDLTVHLNESNAAPANTSMAVASFNMPHEITRRMRPLGVDADTSLTSCPSWRRLQELYEIHGSESI
LKNFDECKDRFQRYSLEVDLRSSDKNFVFLDYSKTHINDEIKDVLFKLVEERGIRAFMRALFAGEKVNTAENRSVLHIAL
RNRSNRPIFVNGHDVMPLVNKVLEQMKKLSEKVRRGEWKGQSGKPIRHVVNIGIGGSDLGPMMACEALRPFSDRRISMHF
VSNIDGTHLSEVLNLVDLESTLFIIASKTFTTQETITNALSARNEFLKFLSSRGISEAGAVAKHFVALSTNAEKVKEFGI
DEENMFQFWDWVGGRYSLWSAIGLSVMISIGYDNFVELLTGAHIMDEHFINAPTENNLPIILALVGIWYNNFFGSETQAI
LPYDQYLWRLPAYLQQLDMESNGKGATKNGRMVSTHTGPIIFGEAGTNGQHAFYQLIHQGTKLIPCDFIGAIQTQNYIGE
HHRILMSNFFAQTEALMIGKTPEEVKRELESAGGKSEDEIQLLIPQKTFTGGRPSNSLLVKALTPRALGAIIAMYEHKVL
VQGAIWGINSYDQWGVELGKLLAKSILLQLQPGQKVTNHDSSTNGLIELFNERSHL
;
_entity_poly.pdbx_strand_id   A,B
#
# COMPACT_ATOMS: atom_id res chain seq x y z
N HIS A 6 39.95 -1.39 14.84
CA HIS A 6 39.40 -1.07 13.53
C HIS A 6 39.40 0.43 13.27
N HIS A 7 40.24 1.15 14.00
CA HIS A 7 40.28 2.62 13.95
C HIS A 7 40.79 3.16 12.61
N HIS A 8 41.48 2.32 11.85
CA HIS A 8 41.95 2.71 10.52
C HIS A 8 40.80 3.01 9.56
N MET A 9 39.67 2.32 9.75
CA MET A 9 38.50 2.54 8.90
C MET A 9 37.87 3.89 9.23
N LYS A 10 37.87 4.24 10.51
CA LYS A 10 37.34 5.53 10.94
C LYS A 10 38.22 6.67 10.44
N ASP A 11 39.53 6.49 10.53
CA ASP A 11 40.49 7.46 10.03
CA ASP A 11 40.47 7.50 10.03
C ASP A 11 40.24 7.76 8.55
N GLN A 12 40.12 6.70 7.77
CA GLN A 12 39.90 6.83 6.34
C GLN A 12 38.56 7.49 6.04
N TYR A 13 37.53 7.10 6.78
CA TYR A 13 36.21 7.70 6.58
C TYR A 13 36.29 9.20 6.81
N LEU A 14 36.94 9.62 7.89
CA LEU A 14 37.00 11.05 8.19
C LEU A 14 37.81 11.81 7.14
N LYS A 15 38.90 11.21 6.65
CA LYS A 15 39.66 11.80 5.54
C LYS A 15 38.78 11.95 4.29
N ASP A 16 38.04 10.91 3.95
CA ASP A 16 37.19 10.93 2.74
C ASP A 16 36.10 11.99 2.86
N LEU A 17 35.47 12.08 4.02
CA LEU A 17 34.44 13.09 4.25
C LEU A 17 35.02 14.50 4.14
N THR A 18 36.20 14.71 4.71
CA THR A 18 36.88 15.99 4.66
C THR A 18 37.12 16.41 3.21
N VAL A 19 37.67 15.48 2.42
CA VAL A 19 37.93 15.75 1.02
C VAL A 19 36.64 16.05 0.26
N HIS A 20 35.58 15.27 0.55
CA HIS A 20 34.30 15.49 -0.13
C HIS A 20 33.75 16.89 0.16
N LEU A 21 33.84 17.31 1.40
CA LEU A 21 33.34 18.64 1.78
C LEU A 21 34.19 19.76 1.19
N ASN A 22 35.51 19.54 1.09
CA ASN A 22 36.39 20.56 0.54
C ASN A 22 36.16 20.78 -0.96
N GLU A 23 35.64 19.76 -1.64
CA GLU A 23 35.47 19.80 -3.08
C GLU A 23 34.02 20.03 -3.50
N SER A 24 33.09 19.88 -2.56
CA SER A 24 31.66 19.98 -2.88
C SER A 24 31.26 21.37 -3.36
N ASN A 25 30.39 21.41 -4.37
CA ASN A 25 29.87 22.68 -4.89
C ASN A 25 28.48 22.99 -4.39
N ALA A 26 28.03 22.29 -3.35
CA ALA A 26 26.73 22.58 -2.75
C ALA A 26 26.71 24.02 -2.23
N ALA A 27 25.54 24.65 -2.30
CA ALA A 27 25.35 25.98 -1.75
C ALA A 27 25.62 25.97 -0.24
N PRO A 28 26.05 27.12 0.31
CA PRO A 28 26.37 27.24 1.75
C PRO A 28 25.27 26.72 2.67
N ALA A 29 24.00 26.98 2.31
CA ALA A 29 22.89 26.54 3.16
C ALA A 29 22.67 25.04 3.09
N ASN A 30 23.31 24.37 2.13
CA ASN A 30 22.96 22.99 1.84
C ASN A 30 24.07 21.98 2.12
N THR A 31 24.95 22.30 3.07
CA THR A 31 26.05 21.38 3.37
C THR A 31 25.55 19.99 3.77
N SER A 32 24.42 19.95 4.48
CA SER A 32 23.86 18.68 4.92
C SER A 32 23.49 17.77 3.75
N MET A 33 23.16 18.38 2.61
CA MET A 33 22.82 17.63 1.41
C MET A 33 24.06 16.94 0.85
N ALA A 34 25.20 17.64 0.90
CA ALA A 34 26.45 17.08 0.42
C ALA A 34 26.87 15.92 1.33
N VAL A 35 26.71 16.09 2.63
CA VAL A 35 27.05 15.04 3.58
C VAL A 35 26.15 13.81 3.35
N ALA A 36 24.86 14.06 3.14
CA ALA A 36 23.90 12.98 2.88
C ALA A 36 24.29 12.18 1.63
N SER A 37 24.71 12.89 0.60
CA SER A 37 25.11 12.25 -0.65
CA SER A 37 25.11 12.27 -0.66
C SER A 37 26.37 11.43 -0.46
N PHE A 38 27.36 12.03 0.18
CA PHE A 38 28.61 11.33 0.45
C PHE A 38 28.33 10.07 1.26
N ASN A 39 27.41 10.18 2.20
CA ASN A 39 27.24 9.14 3.21
C ASN A 39 26.36 7.98 2.76
N MET A 40 25.60 8.19 1.69
CA MET A 40 24.62 7.19 1.27
CA MET A 40 24.62 7.20 1.25
C MET A 40 25.23 5.81 1.01
N PRO A 41 26.29 5.73 0.17
CA PRO A 41 26.83 4.36 -0.01
C PRO A 41 27.42 3.73 1.24
N HIS A 42 27.97 4.55 2.14
CA HIS A 42 28.52 4.01 3.39
C HIS A 42 27.44 3.37 4.24
N GLU A 43 26.28 4.01 4.29
CA GLU A 43 25.14 3.52 5.05
C GLU A 43 24.54 2.29 4.42
N ILE A 44 24.45 2.26 3.10
CA ILE A 44 23.96 1.08 2.39
CA ILE A 44 23.94 1.07 2.43
C ILE A 44 24.84 -0.13 2.68
N THR A 45 26.14 0.03 2.47
CA THR A 45 27.09 -1.07 2.67
C THR A 45 27.20 -1.47 4.15
N ARG A 46 26.98 -0.54 5.09
CA ARG A 46 26.90 -0.91 6.51
C ARG A 46 25.68 -1.79 6.77
N ARG A 47 24.53 -1.37 6.23
CA ARG A 47 23.30 -2.11 6.44
C ARG A 47 23.35 -3.50 5.79
N MET A 48 24.08 -3.64 4.69
CA MET A 48 24.12 -4.93 3.99
C MET A 48 25.34 -5.76 4.37
N ARG A 49 26.08 -5.30 5.37
CA ARG A 49 27.26 -5.99 5.87
C ARG A 49 27.07 -7.52 6.16
N PRO A 50 25.90 -7.96 6.69
CA PRO A 50 25.77 -9.39 6.96
C PRO A 50 25.84 -10.29 5.72
N LEU A 51 25.76 -9.70 4.52
CA LEU A 51 25.90 -10.50 3.29
C LEU A 51 27.31 -11.06 3.17
N GLY A 52 28.26 -10.46 3.88
CA GLY A 52 29.61 -11.00 3.95
C GLY A 52 30.42 -10.98 2.66
N VAL A 53 30.08 -10.07 1.74
CA VAL A 53 30.84 -9.96 0.49
C VAL A 53 31.23 -8.51 0.21
N ASP A 54 32.21 -8.32 -0.68
CA ASP A 54 32.70 -6.99 -1.02
C ASP A 54 31.62 -6.14 -1.68
N ALA A 55 31.74 -4.83 -1.56
CA ALA A 55 30.81 -3.91 -2.19
C ALA A 55 31.05 -3.79 -3.69
N ASP A 56 29.97 -3.76 -4.47
CA ASP A 56 30.06 -3.48 -5.89
C ASP A 56 30.34 -2.01 -6.10
N THR A 57 31.40 -1.68 -6.84
CA THR A 57 31.68 -0.29 -7.17
C THR A 57 31.52 -0.01 -8.67
N SER A 58 31.03 -0.99 -9.43
CA SER A 58 30.89 -0.82 -10.87
C SER A 58 29.89 0.29 -11.25
N LEU A 59 28.85 0.49 -10.45
CA LEU A 59 27.90 1.57 -10.71
C LEU A 59 28.39 2.89 -10.15
N THR A 60 28.79 2.90 -8.89
CA THR A 60 29.22 4.16 -8.26
C THR A 60 30.45 4.75 -8.93
N SER A 61 31.25 3.91 -9.61
CA SER A 61 32.41 4.39 -10.37
C SER A 61 32.09 4.97 -11.74
N CYS A 62 30.88 4.75 -12.24
CA CYS A 62 30.50 5.31 -13.54
C CYS A 62 30.63 6.84 -13.51
N PRO A 63 31.30 7.41 -14.51
CA PRO A 63 31.44 8.87 -14.56
C PRO A 63 30.09 9.57 -14.49
N SER A 64 29.06 9.03 -15.14
CA SER A 64 27.72 9.63 -15.09
CA SER A 64 27.72 9.63 -15.08
C SER A 64 27.12 9.55 -13.69
N TRP A 65 27.46 8.51 -12.93
CA TRP A 65 26.93 8.41 -11.57
C TRP A 65 27.55 9.50 -10.70
N ARG A 66 28.85 9.69 -10.83
CA ARG A 66 29.55 10.71 -10.06
C ARG A 66 29.09 12.10 -10.47
N ARG A 67 28.79 12.28 -11.76
CA ARG A 67 28.31 13.57 -12.24
C ARG A 67 26.89 13.86 -11.70
N LEU A 68 26.04 12.85 -11.65
CA LEU A 68 24.69 13.01 -11.08
C LEU A 68 24.77 13.40 -9.60
N GLN A 69 25.74 12.82 -8.91
CA GLN A 69 25.93 13.15 -7.50
C GLN A 69 26.27 14.64 -7.37
N GLU A 70 27.17 15.14 -8.22
CA GLU A 70 27.54 16.56 -8.21
C GLU A 70 26.35 17.44 -8.53
N LEU A 71 25.56 17.02 -9.52
CA LEU A 71 24.43 17.83 -9.95
C LEU A 71 23.34 17.83 -8.88
N TYR A 72 23.20 16.71 -8.17
CA TYR A 72 22.29 16.67 -7.02
C TYR A 72 22.73 17.65 -5.94
N GLU A 73 24.02 17.68 -5.62
CA GLU A 73 24.49 18.61 -4.59
C GLU A 73 24.30 20.08 -4.99
N ILE A 74 24.31 20.35 -6.30
CA ILE A 74 24.11 21.71 -6.78
C ILE A 74 22.63 22.07 -6.87
N HIS A 75 21.84 21.18 -7.46
CA HIS A 75 20.47 21.51 -7.85
C HIS A 75 19.39 20.89 -6.97
N GLY A 76 19.82 20.06 -6.02
CA GLY A 76 18.90 19.21 -5.28
C GLY A 76 17.89 19.93 -4.40
N SER A 77 18.17 21.17 -4.03
CA SER A 77 17.29 21.91 -3.14
C SER A 77 16.48 22.97 -3.88
N GLU A 78 16.64 23.05 -5.21
CA GLU A 78 15.83 23.95 -6.03
C GLU A 78 14.36 23.52 -6.04
N SER A 79 13.47 24.47 -6.29
CA SER A 79 12.05 24.14 -6.44
C SER A 79 11.85 23.44 -7.78
N ILE A 80 10.72 22.77 -7.96
CA ILE A 80 10.39 22.23 -9.27
C ILE A 80 10.02 23.37 -10.22
N LEU A 81 9.29 24.34 -9.70
CA LEU A 81 8.82 25.47 -10.51
C LEU A 81 9.94 26.26 -11.18
N LYS A 82 11.13 26.26 -10.57
CA LYS A 82 12.28 26.99 -11.10
C LYS A 82 12.50 26.69 -12.60
N ASN A 83 12.40 25.42 -12.98
CA ASN A 83 12.67 25.05 -14.36
C ASN A 83 11.52 25.42 -15.30
N PHE A 84 10.29 25.48 -14.77
CA PHE A 84 9.16 25.96 -15.57
C PHE A 84 9.25 27.48 -15.81
N ASP A 85 9.63 28.21 -14.77
CA ASP A 85 9.76 29.66 -14.87
C ASP A 85 10.83 30.05 -15.89
N GLU A 86 11.83 29.18 -16.04
CA GLU A 86 12.98 29.47 -16.89
C GLU A 86 12.86 28.89 -18.29
N CYS A 87 11.82 28.11 -18.54
CA CYS A 87 11.59 27.58 -19.89
C CYS A 87 10.09 27.45 -20.17
N LYS A 88 9.58 28.30 -21.05
CA LYS A 88 8.14 28.44 -21.28
C LYS A 88 7.48 27.21 -21.89
N ASP A 89 8.26 26.34 -22.54
CA ASP A 89 7.69 25.13 -23.10
C ASP A 89 8.36 23.89 -22.52
N ARG A 90 8.60 23.91 -21.22
CA ARG A 90 9.14 22.75 -20.53
C ARG A 90 8.26 21.51 -20.75
N PHE A 91 6.95 21.70 -20.71
CA PHE A 91 6.02 20.58 -20.86
C PHE A 91 6.25 19.85 -22.20
N GLN A 92 6.39 20.60 -23.28
CA GLN A 92 6.66 20.00 -24.60
C GLN A 92 7.97 19.19 -24.63
N ARG A 93 8.97 19.64 -23.89
CA ARG A 93 10.28 18.99 -23.94
C ARG A 93 10.38 17.86 -22.94
N TYR A 94 9.47 17.84 -21.98
CA TYR A 94 9.52 16.84 -20.92
C TYR A 94 8.24 16.00 -20.93
N SER A 95 7.78 15.68 -22.14
CA SER A 95 6.66 14.75 -22.28
C SER A 95 6.83 13.95 -23.56
N LEU A 96 6.17 12.80 -23.65
CA LEU A 96 6.21 12.02 -24.89
C LEU A 96 5.05 11.04 -24.93
N GLU A 97 4.76 10.58 -26.13
CA GLU A 97 3.58 9.76 -26.36
C GLU A 97 3.96 8.52 -27.17
N VAL A 98 3.45 7.37 -26.77
CA VAL A 98 3.56 6.16 -27.60
C VAL A 98 2.23 5.87 -28.26
N ASP A 99 2.23 5.83 -29.59
CA ASP A 99 1.04 5.57 -30.39
C ASP A 99 0.66 4.08 -30.31
N LEU A 100 -0.59 3.78 -29.98
CA LEU A 100 -0.99 2.37 -29.86
C LEU A 100 -1.55 1.79 -31.16
N ARG A 101 -1.42 2.56 -32.25
CA ARG A 101 -1.72 2.08 -33.60
C ARG A 101 -3.12 1.48 -33.74
N SER A 102 -4.11 2.11 -33.13
CA SER A 102 -5.44 1.51 -33.06
C SER A 102 -6.50 2.37 -33.72
N SER A 103 -7.61 1.74 -34.07
CA SER A 103 -8.69 2.42 -34.75
C SER A 103 -9.28 3.52 -33.89
N ASP A 104 -9.22 3.36 -32.57
CA ASP A 104 -9.76 4.37 -31.67
C ASP A 104 -8.72 5.44 -31.32
N LYS A 105 -7.61 5.44 -32.05
CA LYS A 105 -6.55 6.44 -31.87
C LYS A 105 -6.02 6.48 -30.43
N ASN A 106 -5.90 5.31 -29.79
CA ASN A 106 -5.41 5.26 -28.42
C ASN A 106 -3.90 5.47 -28.35
N PHE A 107 -3.40 5.73 -27.14
CA PHE A 107 -2.02 6.12 -26.92
C PHE A 107 -1.66 5.96 -25.45
N VAL A 108 -0.36 5.96 -25.16
CA VAL A 108 0.14 6.15 -23.80
C VAL A 108 1.01 7.41 -23.77
N PHE A 109 0.58 8.39 -22.97
CA PHE A 109 1.26 9.68 -22.87
C PHE A 109 1.89 9.83 -21.50
N LEU A 110 3.17 10.19 -21.46
CA LEU A 110 3.86 10.50 -20.21
C LEU A 110 4.29 11.96 -20.12
N ASP A 111 3.85 12.63 -19.06
CA ASP A 111 4.35 13.95 -18.70
C ASP A 111 5.23 13.77 -17.47
N TYR A 112 6.56 13.91 -17.65
CA TYR A 112 7.52 13.79 -16.55
C TYR A 112 8.16 15.16 -16.20
N SER A 113 7.45 16.24 -16.50
CA SER A 113 7.99 17.58 -16.32
C SER A 113 7.93 18.08 -14.87
N LYS A 114 6.99 17.58 -14.06
CA LYS A 114 6.90 18.03 -12.68
C LYS A 114 7.91 17.28 -11.81
N THR A 115 9.19 17.44 -12.16
CA THR A 115 10.30 16.74 -11.51
C THR A 115 11.45 17.71 -11.30
N HIS A 116 12.35 17.36 -10.37
CA HIS A 116 13.55 18.15 -10.11
C HIS A 116 14.65 17.85 -11.12
N ILE A 117 14.33 17.97 -12.39
CA ILE A 117 15.25 17.55 -13.43
C ILE A 117 15.39 18.64 -14.49
N ASN A 118 16.59 19.19 -14.63
CA ASN A 118 16.86 20.14 -15.71
C ASN A 118 17.56 19.44 -16.87
N ASP A 119 17.78 20.19 -17.95
CA ASP A 119 18.38 19.63 -19.17
C ASP A 119 19.72 18.94 -18.93
N GLU A 120 20.52 19.50 -18.04
CA GLU A 120 21.84 18.93 -17.77
C GLU A 120 21.72 17.59 -17.05
N ILE A 121 20.88 17.52 -16.02
CA ILE A 121 20.62 16.26 -15.31
C ILE A 121 20.04 15.21 -16.26
N LYS A 122 19.10 15.63 -17.09
CA LYS A 122 18.47 14.71 -18.03
C LYS A 122 19.49 14.08 -18.98
N ASP A 123 20.41 14.88 -19.50
CA ASP A 123 21.43 14.37 -20.42
C ASP A 123 22.33 13.37 -19.71
N VAL A 124 22.66 13.65 -18.47
CA VAL A 124 23.57 12.78 -17.73
C VAL A 124 22.87 11.48 -17.35
N LEU A 125 21.58 11.55 -17.04
CA LEU A 125 20.78 10.34 -16.81
C LEU A 125 20.78 9.45 -18.05
N PHE A 126 20.66 10.06 -19.23
CA PHE A 126 20.72 9.29 -20.47
C PHE A 126 22.10 8.66 -20.67
N LYS A 127 23.15 9.37 -20.27
CA LYS A 127 24.50 8.84 -20.42
C LYS A 127 24.69 7.60 -19.56
N LEU A 128 24.00 7.56 -18.42
CA LEU A 128 24.09 6.41 -17.52
C LEU A 128 23.59 5.14 -18.23
N VAL A 129 22.57 5.30 -19.08
CA VAL A 129 22.06 4.18 -19.87
C VAL A 129 23.17 3.61 -20.76
N GLU A 130 23.94 4.50 -21.39
CA GLU A 130 25.07 4.09 -22.22
C GLU A 130 26.16 3.42 -21.39
N GLU A 131 26.51 4.02 -20.26
CA GLU A 131 27.64 3.54 -19.49
C GLU A 131 27.39 2.20 -18.77
N ARG A 132 26.13 1.86 -18.53
CA ARG A 132 25.81 0.60 -17.89
C ARG A 132 25.41 -0.46 -18.92
N GLY A 133 25.54 -0.13 -20.21
CA GLY A 133 25.30 -1.08 -21.28
C GLY A 133 23.88 -1.61 -21.34
N ILE A 134 22.92 -0.75 -20.98
CA ILE A 134 21.52 -1.13 -20.87
C ILE A 134 20.88 -1.54 -22.22
N ARG A 135 21.18 -0.81 -23.28
CA ARG A 135 20.57 -1.12 -24.58
C ARG A 135 21.03 -2.51 -25.06
N ALA A 136 22.29 -2.84 -24.81
CA ALA A 136 22.80 -4.16 -25.16
C ALA A 136 22.13 -5.24 -24.29
N PHE A 137 21.90 -4.94 -23.02
CA PHE A 137 21.24 -5.89 -22.12
C PHE A 137 19.83 -6.17 -22.61
N MET A 138 19.11 -5.11 -22.95
CA MET A 138 17.76 -5.23 -23.49
C MET A 138 17.73 -6.16 -24.70
N ARG A 139 18.66 -5.99 -25.63
CA ARG A 139 18.69 -6.83 -26.83
C ARG A 139 18.96 -8.28 -26.47
N ALA A 140 19.84 -8.52 -25.50
CA ALA A 140 20.17 -9.88 -25.11
C ALA A 140 18.96 -10.55 -24.48
N LEU A 141 18.24 -9.79 -23.64
CA LEU A 141 17.05 -10.32 -23.00
C LEU A 141 15.98 -10.64 -24.04
N PHE A 142 15.69 -9.68 -24.92
CA PHE A 142 14.70 -9.90 -25.98
C PHE A 142 15.06 -11.07 -26.92
N ALA A 143 16.35 -11.39 -27.00
CA ALA A 143 16.81 -12.42 -27.94
C ALA A 143 16.76 -13.80 -27.31
N GLY A 144 16.44 -13.86 -26.02
CA GLY A 144 16.30 -15.13 -25.34
C GLY A 144 17.55 -15.63 -24.67
N GLU A 145 18.56 -14.76 -24.53
CA GLU A 145 19.77 -15.13 -23.83
C GLU A 145 19.45 -15.37 -22.37
N LYS A 146 20.24 -16.22 -21.72
CA LYS A 146 19.92 -16.63 -20.35
C LYS A 146 20.39 -15.59 -19.35
N VAL A 147 19.70 -14.46 -19.33
CA VAL A 147 20.06 -13.32 -18.50
C VAL A 147 19.67 -13.49 -17.03
N ASN A 148 18.74 -14.40 -16.76
CA ASN A 148 18.45 -14.80 -15.39
C ASN A 148 19.56 -15.77 -14.99
N THR A 149 20.72 -15.22 -14.64
CA THR A 149 21.91 -16.04 -14.50
C THR A 149 21.82 -16.96 -13.29
N ALA A 150 21.15 -16.52 -12.22
CA ALA A 150 21.10 -17.31 -10.98
C ALA A 150 20.36 -18.63 -11.20
N GLU A 151 19.38 -18.60 -12.08
CA GLU A 151 18.58 -19.79 -12.39
C GLU A 151 18.90 -20.36 -13.78
N ASN A 152 19.87 -19.76 -14.46
CA ASN A 152 20.26 -20.11 -15.82
C ASN A 152 19.06 -20.23 -16.77
N ARG A 153 18.25 -19.17 -16.78
CA ARG A 153 17.00 -19.15 -17.53
C ARG A 153 16.94 -17.95 -18.48
N SER A 154 16.18 -18.11 -19.55
CA SER A 154 15.82 -16.97 -20.39
C SER A 154 14.72 -16.17 -19.71
N VAL A 155 14.47 -14.96 -20.21
CA VAL A 155 13.42 -14.10 -19.68
C VAL A 155 12.60 -13.61 -20.85
N LEU A 156 11.49 -14.29 -21.12
CA LEU A 156 10.83 -14.09 -22.40
C LEU A 156 9.32 -13.92 -22.33
N HIS A 157 8.83 -13.17 -21.34
CA HIS A 157 7.43 -12.78 -21.36
C HIS A 157 7.10 -11.98 -22.63
N ILE A 158 8.09 -11.35 -23.26
CA ILE A 158 7.79 -10.62 -24.49
C ILE A 158 7.44 -11.57 -25.65
N ALA A 159 7.89 -12.83 -25.58
CA ALA A 159 7.54 -13.81 -26.60
C ALA A 159 6.05 -14.16 -26.52
N LEU A 160 5.48 -14.08 -25.33
CA LEU A 160 4.08 -14.44 -25.10
C LEU A 160 3.12 -13.58 -25.92
N ARG A 161 3.51 -12.31 -26.13
CA ARG A 161 2.66 -11.37 -26.85
C ARG A 161 3.29 -10.91 -28.16
N ASN A 162 4.22 -11.71 -28.67
CA ASN A 162 4.91 -11.39 -29.91
C ASN A 162 4.03 -11.63 -31.14
N ARG A 163 3.16 -10.66 -31.43
CA ARG A 163 2.19 -10.78 -32.51
C ARG A 163 2.87 -10.86 -33.88
N SER A 164 4.09 -10.34 -33.99
CA SER A 164 4.82 -10.36 -35.25
C SER A 164 5.22 -11.78 -35.64
N ASN A 165 5.31 -12.65 -34.64
CA ASN A 165 5.73 -14.03 -34.81
C ASN A 165 7.15 -14.20 -35.36
N ARG A 166 7.96 -13.14 -35.29
CA ARG A 166 9.38 -13.29 -35.61
C ARG A 166 9.95 -14.35 -34.65
N PRO A 167 10.82 -15.22 -35.16
CA PRO A 167 11.32 -16.30 -34.30
C PRO A 167 12.10 -15.80 -33.10
N ILE A 168 11.92 -16.48 -31.97
CA ILE A 168 12.67 -16.23 -30.74
C ILE A 168 13.11 -17.58 -30.20
N PHE A 169 14.42 -17.75 -29.98
CA PHE A 169 14.97 -19.07 -29.72
C PHE A 169 15.37 -19.33 -28.28
N VAL A 170 15.03 -20.53 -27.82
CA VAL A 170 15.43 -21.02 -26.50
C VAL A 170 15.96 -22.43 -26.67
N ASN A 171 17.21 -22.63 -26.28
CA ASN A 171 17.91 -23.89 -26.53
C ASN A 171 17.86 -24.27 -28.00
N GLY A 172 18.06 -23.28 -28.86
CA GLY A 172 18.07 -23.49 -30.30
C GLY A 172 16.73 -23.83 -30.93
N HIS A 173 15.63 -23.52 -30.22
CA HIS A 173 14.30 -23.81 -30.75
C HIS A 173 13.40 -22.58 -30.71
N ASP A 174 12.62 -22.37 -31.76
CA ASP A 174 11.69 -21.25 -31.83
C ASP A 174 10.55 -21.51 -30.84
N VAL A 175 10.37 -20.61 -29.88
CA VAL A 175 9.31 -20.77 -28.88
C VAL A 175 7.95 -20.30 -29.39
N MET A 176 7.93 -19.59 -30.51
CA MET A 176 6.67 -19.01 -30.98
C MET A 176 5.59 -20.05 -31.37
N PRO A 177 5.98 -21.15 -32.02
CA PRO A 177 4.94 -22.16 -32.26
C PRO A 177 4.31 -22.69 -30.97
N LEU A 178 5.10 -22.78 -29.91
CA LEU A 178 4.61 -23.25 -28.61
C LEU A 178 3.62 -22.26 -28.01
N VAL A 179 4.00 -20.99 -28.03
CA VAL A 179 3.16 -19.90 -27.53
C VAL A 179 1.81 -19.90 -28.23
N ASN A 180 1.84 -20.00 -29.56
CA ASN A 180 0.63 -19.89 -30.37
C ASN A 180 -0.31 -21.09 -30.26
N LYS A 181 0.27 -22.26 -30.05
CA LYS A 181 -0.52 -23.46 -29.82
C LYS A 181 -1.32 -23.35 -28.52
N VAL A 182 -0.70 -22.83 -27.47
CA VAL A 182 -1.42 -22.70 -26.20
C VAL A 182 -2.51 -21.62 -26.29
N LEU A 183 -2.21 -20.51 -26.96
CA LEU A 183 -3.22 -19.48 -27.18
C LEU A 183 -4.43 -20.06 -27.92
N GLU A 184 -4.19 -20.94 -28.88
CA GLU A 184 -5.30 -21.55 -29.62
C GLU A 184 -6.08 -22.50 -28.69
N GLN A 185 -5.35 -23.19 -27.81
CA GLN A 185 -5.98 -24.06 -26.82
C GLN A 185 -6.87 -23.25 -25.87
N MET A 186 -6.35 -22.11 -25.42
CA MET A 186 -7.09 -21.16 -24.61
C MET A 186 -8.34 -20.66 -25.34
N LYS A 187 -8.15 -20.31 -26.61
CA LYS A 187 -9.26 -19.85 -27.45
CA LYS A 187 -9.25 -19.85 -27.44
C LYS A 187 -10.38 -20.88 -27.46
N LYS A 188 -10.03 -22.14 -27.69
CA LYS A 188 -11.04 -23.18 -27.80
C LYS A 188 -11.82 -23.36 -26.50
N LEU A 189 -11.13 -23.41 -25.36
CA LEU A 189 -11.85 -23.57 -24.10
C LEU A 189 -12.71 -22.34 -23.81
N SER A 190 -12.15 -21.14 -23.98
CA SER A 190 -12.87 -19.92 -23.63
CA SER A 190 -12.86 -19.90 -23.66
C SER A 190 -14.14 -19.81 -24.47
N GLU A 191 -14.06 -20.15 -25.74
CA GLU A 191 -15.23 -20.12 -26.63
C GLU A 191 -16.30 -21.10 -26.16
N LYS A 192 -15.91 -22.31 -25.80
CA LYS A 192 -16.89 -23.30 -25.34
C LYS A 192 -17.62 -22.81 -24.09
N VAL A 193 -16.86 -22.25 -23.16
CA VAL A 193 -17.47 -21.73 -21.95
C VAL A 193 -18.40 -20.56 -22.25
N ARG A 194 -17.94 -19.62 -23.07
CA ARG A 194 -18.70 -18.41 -23.36
C ARG A 194 -19.94 -18.71 -24.19
N ARG A 195 -19.90 -19.80 -24.95
CA ARG A 195 -21.02 -20.11 -25.84
C ARG A 195 -22.00 -21.07 -25.17
N GLY A 196 -21.68 -21.45 -23.93
CA GLY A 196 -22.56 -22.33 -23.17
C GLY A 196 -22.46 -23.78 -23.59
N GLU A 197 -21.37 -24.14 -24.27
CA GLU A 197 -21.16 -25.54 -24.68
C GLU A 197 -20.55 -26.38 -23.57
N TRP A 198 -19.69 -25.77 -22.75
CA TRP A 198 -19.06 -26.50 -21.65
C TRP A 198 -20.09 -26.77 -20.56
N LYS A 199 -20.43 -28.04 -20.35
CA LYS A 199 -21.46 -28.39 -19.38
C LYS A 199 -20.85 -29.02 -18.12
N GLY A 200 -21.48 -28.80 -16.98
CA GLY A 200 -21.05 -29.44 -15.74
C GLY A 200 -21.56 -30.86 -15.65
N GLN A 201 -21.28 -31.51 -14.52
CA GLN A 201 -21.60 -32.91 -14.28
C GLN A 201 -23.13 -33.20 -14.24
N SER A 202 -23.94 -32.16 -14.11
CA SER A 202 -25.38 -32.35 -14.13
C SER A 202 -26.02 -31.71 -15.36
N GLY A 203 -25.18 -31.20 -16.26
CA GLY A 203 -25.67 -30.75 -17.57
C GLY A 203 -25.84 -29.25 -17.70
N LYS A 204 -25.45 -28.50 -16.66
CA LYS A 204 -25.59 -27.05 -16.67
C LYS A 204 -24.42 -26.36 -17.36
N PRO A 205 -24.71 -25.31 -18.14
CA PRO A 205 -23.60 -24.50 -18.68
C PRO A 205 -22.86 -23.79 -17.56
N ILE A 206 -21.55 -23.59 -17.74
CA ILE A 206 -20.74 -22.86 -16.77
C ILE A 206 -21.20 -21.41 -16.59
N ARG A 207 -21.40 -20.99 -15.34
CA ARG A 207 -21.79 -19.62 -15.03
C ARG A 207 -20.84 -18.99 -14.02
N HIS A 208 -19.96 -19.81 -13.45
CA HIS A 208 -18.97 -19.33 -12.47
C HIS A 208 -17.59 -19.89 -12.80
N VAL A 209 -16.56 -19.05 -12.71
CA VAL A 209 -15.19 -19.50 -12.88
C VAL A 209 -14.41 -19.16 -11.62
N VAL A 210 -13.80 -20.17 -11.00
CA VAL A 210 -13.02 -19.93 -9.78
C VAL A 210 -11.56 -20.21 -10.06
N ASN A 211 -10.75 -19.14 -10.06
CA ASN A 211 -9.31 -19.26 -10.22
C ASN A 211 -8.71 -19.51 -8.85
N ILE A 212 -7.89 -20.54 -8.73
CA ILE A 212 -7.19 -20.83 -7.48
C ILE A 212 -5.69 -20.71 -7.75
N GLY A 213 -5.04 -19.77 -7.05
CA GLY A 213 -3.64 -19.49 -7.31
C GLY A 213 -3.19 -18.35 -6.41
N ILE A 214 -1.89 -18.10 -6.33
CA ILE A 214 -1.42 -17.06 -5.43
C ILE A 214 -0.25 -16.32 -6.06
N GLY A 215 -0.06 -15.06 -5.67
CA GLY A 215 1.01 -14.25 -6.22
C GLY A 215 0.88 -14.07 -7.72
N GLY A 216 1.90 -14.51 -8.47
CA GLY A 216 1.91 -14.37 -9.91
C GLY A 216 0.76 -15.09 -10.58
N SER A 217 0.25 -16.13 -9.93
CA SER A 217 -0.86 -16.90 -10.48
C SER A 217 -2.22 -16.36 -10.04
N ASP A 218 -2.24 -15.19 -9.40
CA ASP A 218 -3.49 -14.61 -8.88
C ASP A 218 -3.66 -13.13 -9.21
N LEU A 219 -2.66 -12.30 -8.89
CA LEU A 219 -2.81 -10.85 -8.96
C LEU A 219 -3.09 -10.34 -10.37
N GLY A 220 -2.35 -10.84 -11.34
CA GLY A 220 -2.56 -10.45 -12.74
C GLY A 220 -3.94 -10.76 -13.27
N PRO A 221 -4.36 -12.03 -13.17
CA PRO A 221 -5.70 -12.40 -13.64
C PRO A 221 -6.78 -11.57 -12.96
N MET A 222 -6.71 -11.40 -11.64
CA MET A 222 -7.75 -10.65 -10.97
C MET A 222 -7.69 -9.16 -11.34
N MET A 223 -6.47 -8.61 -11.41
CA MET A 223 -6.32 -7.18 -11.75
C MET A 223 -6.91 -6.89 -13.14
N ALA A 224 -6.62 -7.76 -14.10
CA ALA A 224 -7.09 -7.57 -15.47
C ALA A 224 -8.59 -7.78 -15.62
N CYS A 225 -9.15 -8.77 -14.92
CA CYS A 225 -10.60 -8.96 -14.94
C CYS A 225 -11.32 -7.77 -14.32
N GLU A 226 -10.74 -7.16 -13.29
CA GLU A 226 -11.33 -5.96 -12.71
C GLU A 226 -11.17 -4.78 -13.67
N ALA A 227 -9.97 -4.64 -14.25
CA ALA A 227 -9.67 -3.47 -15.09
C ALA A 227 -10.53 -3.47 -16.34
N LEU A 228 -10.82 -4.66 -16.84
CA LEU A 228 -11.48 -4.78 -18.14
C LEU A 228 -12.92 -5.26 -18.05
N ARG A 229 -13.54 -5.03 -16.90
CA ARG A 229 -14.95 -5.39 -16.71
C ARG A 229 -15.92 -4.88 -17.79
N PRO A 230 -15.73 -3.64 -18.31
CA PRO A 230 -16.66 -3.20 -19.36
C PRO A 230 -16.61 -4.03 -20.64
N PHE A 231 -15.57 -4.84 -20.78
CA PHE A 231 -15.39 -5.64 -21.98
C PHE A 231 -15.68 -7.11 -21.75
N SER A 232 -16.34 -7.39 -20.63
CA SER A 232 -16.54 -8.78 -20.18
C SER A 232 -17.94 -9.28 -20.46
N ASP A 233 -18.07 -10.60 -20.41
CA ASP A 233 -19.34 -11.32 -20.46
C ASP A 233 -19.91 -11.38 -19.05
N ARG A 234 -20.94 -10.58 -18.78
CA ARG A 234 -21.48 -10.47 -17.43
C ARG A 234 -22.20 -11.74 -16.97
N ARG A 235 -22.46 -12.66 -17.91
CA ARG A 235 -23.16 -13.90 -17.57
C ARG A 235 -22.25 -14.85 -16.79
N ILE A 236 -20.95 -14.58 -16.80
CA ILE A 236 -20.00 -15.46 -16.13
C ILE A 236 -19.30 -14.72 -14.98
N SER A 237 -19.58 -15.17 -13.76
CA SER A 237 -18.99 -14.58 -12.56
C SER A 237 -17.57 -15.09 -12.37
N MET A 238 -16.65 -14.17 -12.12
CA MET A 238 -15.25 -14.53 -11.92
C MET A 238 -14.91 -14.42 -10.44
N HIS A 239 -14.19 -15.41 -9.92
CA HIS A 239 -13.81 -15.47 -8.51
C HIS A 239 -12.35 -15.85 -8.41
N PHE A 240 -11.66 -15.31 -7.42
CA PHE A 240 -10.23 -15.59 -7.27
C PHE A 240 -9.89 -15.99 -5.85
N VAL A 241 -9.69 -17.28 -5.63
CA VAL A 241 -9.30 -17.82 -4.34
C VAL A 241 -7.78 -17.82 -4.30
N SER A 242 -7.18 -17.31 -3.23
CA SER A 242 -5.73 -17.24 -3.19
C SER A 242 -5.16 -17.49 -1.80
N ASN A 243 -5.72 -16.84 -0.79
CA ASN A 243 -5.22 -17.02 0.58
C ASN A 243 -5.42 -18.46 1.06
N ILE A 244 -4.47 -19.00 1.81
CA ILE A 244 -4.69 -20.31 2.40
C ILE A 244 -5.73 -20.18 3.53
N ASP A 245 -5.80 -19.00 4.15
CA ASP A 245 -6.84 -18.74 5.17
C ASP A 245 -8.16 -19.36 4.68
N GLY A 246 -8.67 -20.35 5.41
CA GLY A 246 -9.82 -21.11 4.96
C GLY A 246 -11.05 -20.27 4.69
N THR A 247 -11.05 -19.05 5.23
CA THR A 247 -12.08 -18.06 4.91
C THR A 247 -12.21 -17.80 3.41
N HIS A 248 -11.09 -17.77 2.71
CA HIS A 248 -11.15 -17.35 1.31
C HIS A 248 -11.93 -18.35 0.48
N LEU A 249 -11.51 -19.60 0.51
CA LEU A 249 -12.20 -20.64 -0.23
C LEU A 249 -13.65 -20.78 0.27
N SER A 250 -13.85 -20.71 1.59
CA SER A 250 -15.18 -20.89 2.15
C SER A 250 -16.16 -19.85 1.64
N GLU A 251 -15.76 -18.58 1.64
CA GLU A 251 -16.66 -17.52 1.18
C GLU A 251 -16.93 -17.63 -0.33
N VAL A 252 -15.91 -17.98 -1.11
CA VAL A 252 -16.13 -18.13 -2.54
C VAL A 252 -17.07 -19.30 -2.84
N LEU A 253 -16.88 -20.43 -2.15
CA LEU A 253 -17.77 -21.57 -2.39
C LEU A 253 -19.23 -21.22 -2.09
N ASN A 254 -19.44 -20.29 -1.16
CA ASN A 254 -20.78 -19.88 -0.78
C ASN A 254 -21.43 -18.96 -1.82
N LEU A 255 -20.61 -18.41 -2.71
CA LEU A 255 -21.11 -17.51 -3.74
C LEU A 255 -21.45 -18.20 -5.06
N VAL A 256 -20.95 -19.42 -5.26
CA VAL A 256 -21.14 -20.07 -6.55
C VAL A 256 -22.18 -21.19 -6.49
N ASP A 257 -22.76 -21.51 -7.65
CA ASP A 257 -23.47 -22.77 -7.85
C ASP A 257 -22.45 -23.77 -8.37
N LEU A 258 -22.12 -24.77 -7.56
CA LEU A 258 -21.04 -25.67 -7.88
C LEU A 258 -21.33 -26.51 -9.12
N GLU A 259 -22.62 -26.73 -9.39
CA GLU A 259 -22.99 -27.50 -10.59
C GLU A 259 -22.61 -26.75 -11.87
N SER A 260 -22.44 -25.45 -11.80
CA SER A 260 -22.08 -24.69 -13.00
C SER A 260 -20.80 -23.90 -12.79
N THR A 261 -19.90 -24.46 -11.97
CA THR A 261 -18.61 -23.83 -11.71
C THR A 261 -17.46 -24.55 -12.37
N LEU A 262 -16.62 -23.79 -13.06
CA LEU A 262 -15.35 -24.29 -13.56
C LEU A 262 -14.20 -23.82 -12.68
N PHE A 263 -13.44 -24.76 -12.12
CA PHE A 263 -12.25 -24.40 -11.32
C PHE A 263 -11.00 -24.34 -12.19
N ILE A 264 -10.19 -23.33 -11.97
CA ILE A 264 -8.95 -23.19 -12.71
C ILE A 264 -7.81 -23.19 -11.71
N ILE A 265 -6.97 -24.23 -11.74
CA ILE A 265 -5.85 -24.28 -10.80
C ILE A 265 -4.64 -23.67 -11.47
N ALA A 266 -4.23 -22.51 -10.98
CA ALA A 266 -3.18 -21.76 -11.65
C ALA A 266 -1.93 -21.79 -10.79
N SER A 267 -0.88 -22.47 -11.25
CA SER A 267 0.36 -22.61 -10.49
C SER A 267 1.50 -23.08 -11.38
N LYS A 268 2.50 -22.21 -11.56
CA LYS A 268 3.68 -22.56 -12.37
C LYS A 268 4.30 -23.89 -11.90
N THR A 269 4.52 -24.01 -10.60
CA THR A 269 5.14 -25.22 -10.07
C THR A 269 4.13 -26.33 -9.79
N PHE A 270 2.89 -25.94 -9.55
CA PHE A 270 1.82 -26.84 -9.10
C PHE A 270 2.18 -27.52 -7.78
N THR A 271 3.07 -26.91 -7.00
CA THR A 271 3.41 -27.47 -5.68
C THR A 271 3.35 -26.44 -4.52
N THR A 272 3.03 -25.19 -4.83
CA THR A 272 2.91 -24.13 -3.82
C THR A 272 1.89 -24.53 -2.77
N GLN A 273 2.26 -24.49 -1.49
CA GLN A 273 1.41 -25.09 -0.46
C GLN A 273 0.00 -24.48 -0.41
N GLU A 274 -0.11 -23.15 -0.49
CA GLU A 274 -1.42 -22.51 -0.44
C GLU A 274 -2.33 -22.98 -1.56
N THR A 275 -1.78 -23.00 -2.77
CA THR A 275 -2.58 -23.27 -3.96
C THR A 275 -3.00 -24.74 -4.06
N ILE A 276 -2.08 -25.66 -3.82
CA ILE A 276 -2.42 -27.08 -3.91
CA ILE A 276 -2.41 -27.08 -3.90
C ILE A 276 -3.37 -27.47 -2.76
N THR A 277 -3.17 -26.88 -1.58
CA THR A 277 -4.09 -27.17 -0.47
C THR A 277 -5.49 -26.63 -0.78
N ASN A 278 -5.57 -25.38 -1.24
CA ASN A 278 -6.85 -24.83 -1.70
C ASN A 278 -7.50 -25.67 -2.79
N ALA A 279 -6.70 -26.14 -3.75
CA ALA A 279 -7.22 -26.96 -4.85
C ALA A 279 -7.76 -28.32 -4.35
N LEU A 280 -7.04 -28.94 -3.42
CA LEU A 280 -7.48 -30.22 -2.85
C LEU A 280 -8.77 -30.03 -2.02
N SER A 281 -8.84 -28.95 -1.27
CA SER A 281 -10.05 -28.67 -0.49
C SER A 281 -11.24 -28.37 -1.41
N ALA A 282 -10.98 -27.60 -2.47
CA ALA A 282 -12.04 -27.29 -3.43
C ALA A 282 -12.53 -28.58 -4.10
N ARG A 283 -11.60 -29.45 -4.47
CA ARG A 283 -11.94 -30.75 -5.06
C ARG A 283 -12.83 -31.54 -4.08
N ASN A 284 -12.42 -31.56 -2.81
CA ASN A 284 -13.16 -32.30 -1.78
C ASN A 284 -14.57 -31.75 -1.56
N GLU A 285 -14.69 -30.43 -1.40
CA GLU A 285 -15.98 -29.82 -1.16
C GLU A 285 -16.90 -30.00 -2.36
N PHE A 286 -16.30 -29.90 -3.54
CA PHE A 286 -17.06 -30.08 -4.77
C PHE A 286 -17.67 -31.50 -4.83
N LEU A 287 -16.86 -32.50 -4.55
CA LEU A 287 -17.35 -33.87 -4.60
C LEU A 287 -18.37 -34.15 -3.49
N LYS A 288 -18.15 -33.60 -2.29
CA LYS A 288 -19.16 -33.75 -1.23
C LYS A 288 -20.47 -33.09 -1.64
N PHE A 289 -20.38 -31.99 -2.38
CA PHE A 289 -21.58 -31.30 -2.81
C PHE A 289 -22.35 -32.17 -3.80
N LEU A 290 -21.65 -32.72 -4.78
CA LEU A 290 -22.32 -33.56 -5.79
C LEU A 290 -23.03 -34.71 -5.11
N SER A 291 -22.35 -35.31 -4.14
CA SER A 291 -22.92 -36.43 -3.42
C SER A 291 -24.18 -36.00 -2.66
N SER A 292 -24.15 -34.79 -2.09
CA SER A 292 -25.29 -34.28 -1.35
C SER A 292 -26.48 -34.04 -2.28
N ARG A 293 -26.21 -33.85 -3.56
CA ARG A 293 -27.27 -33.65 -4.57
C ARG A 293 -27.63 -34.92 -5.31
N GLY A 294 -27.03 -36.04 -4.94
CA GLY A 294 -27.32 -37.30 -5.63
C GLY A 294 -26.78 -37.32 -7.05
N ILE A 295 -25.69 -36.59 -7.27
CA ILE A 295 -25.03 -36.55 -8.56
C ILE A 295 -23.81 -37.44 -8.57
N SER A 296 -23.68 -38.30 -9.58
CA SER A 296 -22.52 -39.19 -9.70
C SER A 296 -21.19 -38.43 -9.75
N GLU A 297 -20.18 -38.93 -9.05
CA GLU A 297 -18.85 -38.31 -9.08
C GLU A 297 -18.00 -38.85 -10.23
N ALA A 298 -18.49 -39.86 -10.93
CA ALA A 298 -17.72 -40.49 -12.00
C ALA A 298 -17.38 -39.51 -13.12
N GLY A 299 -16.10 -39.18 -13.24
CA GLY A 299 -15.63 -38.25 -14.25
C GLY A 299 -15.87 -36.79 -13.93
N ALA A 300 -16.29 -36.50 -12.70
CA ALA A 300 -16.68 -35.15 -12.33
C ALA A 300 -15.50 -34.17 -12.27
N VAL A 301 -14.38 -34.61 -11.71
CA VAL A 301 -13.21 -33.74 -11.63
C VAL A 301 -12.72 -33.33 -13.03
N ALA A 302 -12.66 -34.31 -13.93
CA ALA A 302 -12.20 -34.05 -15.29
C ALA A 302 -13.06 -33.01 -16.00
N LYS A 303 -14.34 -32.92 -15.63
CA LYS A 303 -15.25 -31.94 -16.25
C LYS A 303 -15.16 -30.53 -15.66
N HIS A 304 -14.78 -30.44 -14.39
CA HIS A 304 -14.88 -29.17 -13.66
C HIS A 304 -13.54 -28.52 -13.29
N PHE A 305 -12.43 -29.20 -13.57
CA PHE A 305 -11.11 -28.68 -13.18
C PHE A 305 -10.16 -28.62 -14.38
N VAL A 306 -9.53 -27.48 -14.57
CA VAL A 306 -8.46 -27.36 -15.55
C VAL A 306 -7.23 -26.80 -14.84
N ALA A 307 -6.07 -26.88 -15.48
CA ALA A 307 -4.83 -26.44 -14.82
C ALA A 307 -3.97 -25.60 -15.74
N LEU A 308 -3.32 -24.59 -15.16
CA LEU A 308 -2.36 -23.75 -15.88
C LEU A 308 -1.02 -23.92 -15.17
N SER A 309 -0.05 -24.53 -15.83
CA SER A 309 1.16 -24.99 -15.12
C SER A 309 2.32 -25.35 -16.06
N THR A 310 3.49 -25.60 -15.47
CA THR A 310 4.61 -26.14 -16.21
C THR A 310 4.84 -27.60 -15.81
N ASN A 311 4.11 -28.05 -14.78
CA ASN A 311 4.34 -29.36 -14.18
C ASN A 311 3.27 -30.37 -14.59
N ALA A 312 3.52 -31.09 -15.68
CA ALA A 312 2.53 -32.01 -16.25
C ALA A 312 2.24 -33.20 -15.33
N GLU A 313 3.26 -33.70 -14.65
CA GLU A 313 3.12 -34.86 -13.77
C GLU A 313 2.19 -34.57 -12.58
N LYS A 314 2.39 -33.43 -11.93
CA LYS A 314 1.55 -33.11 -10.78
C LYS A 314 0.11 -32.78 -11.19
N VAL A 315 -0.04 -32.17 -12.38
CA VAL A 315 -1.38 -31.93 -12.91
C VAL A 315 -2.08 -33.28 -13.20
N LYS A 316 -1.36 -34.22 -13.79
CA LYS A 316 -1.90 -35.56 -14.04
C LYS A 316 -2.34 -36.20 -12.73
N GLU A 317 -1.47 -36.09 -11.72
CA GLU A 317 -1.71 -36.69 -10.42
C GLU A 317 -2.97 -36.13 -9.75
N PHE A 318 -3.26 -34.85 -9.97
CA PHE A 318 -4.45 -34.21 -9.41
C PHE A 318 -5.73 -34.78 -10.03
N GLY A 319 -5.62 -35.29 -11.25
CA GLY A 319 -6.76 -35.91 -11.91
C GLY A 319 -7.25 -35.15 -13.13
N ILE A 320 -6.50 -34.13 -13.52
CA ILE A 320 -6.87 -33.30 -14.66
C ILE A 320 -6.40 -33.91 -15.98
N ASP A 321 -7.31 -33.94 -16.97
CA ASP A 321 -7.01 -34.47 -18.30
C ASP A 321 -5.92 -33.67 -19.01
N GLU A 322 -5.09 -34.36 -19.79
CA GLU A 322 -4.01 -33.69 -20.52
C GLU A 322 -4.51 -32.57 -21.43
N GLU A 323 -5.69 -32.74 -22.01
CA GLU A 323 -6.28 -31.73 -22.90
C GLU A 323 -6.61 -30.43 -22.17
N ASN A 324 -6.76 -30.53 -20.85
CA ASN A 324 -7.11 -29.39 -20.02
C ASN A 324 -5.97 -28.91 -19.13
N MET A 325 -4.75 -29.31 -19.50
CA MET A 325 -3.57 -28.66 -18.94
C MET A 325 -3.04 -27.64 -19.93
N PHE A 326 -2.96 -26.39 -19.48
CA PHE A 326 -2.51 -25.29 -20.32
C PHE A 326 -1.08 -24.95 -19.92
N GLN A 327 -0.16 -25.25 -20.82
CA GLN A 327 1.28 -25.19 -20.56
C GLN A 327 1.80 -23.75 -20.60
N PHE A 328 2.72 -23.40 -19.70
CA PHE A 328 3.66 -22.33 -20.01
C PHE A 328 5.06 -22.78 -19.61
N TRP A 329 6.02 -21.87 -19.53
CA TRP A 329 7.43 -22.29 -19.56
C TRP A 329 8.28 -21.63 -18.49
N ASP A 330 9.45 -22.22 -18.20
CA ASP A 330 10.32 -21.71 -17.14
CA ASP A 330 10.27 -21.69 -17.10
C ASP A 330 10.71 -20.26 -17.36
N TRP A 331 10.79 -19.85 -18.64
CA TRP A 331 11.23 -18.48 -18.95
C TRP A 331 10.10 -17.46 -18.84
N VAL A 332 8.94 -17.90 -18.35
CA VAL A 332 7.85 -17.00 -17.95
C VAL A 332 7.84 -16.83 -16.42
N GLY A 333 8.34 -15.70 -15.93
CA GLY A 333 8.28 -15.43 -14.50
C GLY A 333 6.84 -15.25 -14.03
N GLY A 334 6.54 -15.69 -12.81
CA GLY A 334 5.17 -15.61 -12.30
C GLY A 334 4.58 -14.23 -12.36
N ARG A 335 5.37 -13.24 -11.95
CA ARG A 335 4.90 -11.85 -11.96
C ARG A 335 4.92 -11.21 -13.35
N TYR A 336 5.28 -12.01 -14.35
CA TYR A 336 5.27 -11.64 -15.76
C TYR A 336 4.35 -12.59 -16.54
N SER A 337 3.41 -13.23 -15.87
CA SER A 337 2.74 -14.38 -16.50
C SER A 337 1.30 -14.14 -16.98
N LEU A 338 0.76 -12.94 -16.77
CA LEU A 338 -0.60 -12.61 -17.20
C LEU A 338 -0.86 -12.95 -18.67
N TRP A 339 0.19 -12.81 -19.48
CA TRP A 339 0.11 -12.93 -20.94
C TRP A 339 0.09 -14.37 -21.44
N SER A 340 0.39 -15.30 -20.53
CA SER A 340 0.51 -16.72 -20.85
C SER A 340 -0.79 -17.46 -20.54
N ALA A 341 -0.71 -18.79 -20.44
CA ALA A 341 -1.84 -19.62 -20.03
C ALA A 341 -2.49 -19.11 -18.74
N ILE A 342 -1.69 -18.49 -17.88
CA ILE A 342 -2.18 -17.96 -16.61
C ILE A 342 -3.33 -16.96 -16.81
N GLY A 343 -3.34 -16.33 -17.97
CA GLY A 343 -4.40 -15.38 -18.31
C GLY A 343 -5.70 -16.03 -18.75
N LEU A 344 -5.85 -17.35 -18.58
CA LEU A 344 -7.04 -18.05 -19.09
C LEU A 344 -8.35 -17.48 -18.53
N SER A 345 -8.37 -17.14 -17.23
CA SER A 345 -9.59 -16.60 -16.62
C SER A 345 -9.91 -15.25 -17.26
N VAL A 346 -8.88 -14.48 -17.58
CA VAL A 346 -9.10 -13.23 -18.30
C VAL A 346 -9.75 -13.48 -19.67
N MET A 347 -9.22 -14.45 -20.41
CA MET A 347 -9.72 -14.71 -21.76
C MET A 347 -11.16 -15.23 -21.71
N ILE A 348 -11.49 -16.04 -20.72
CA ILE A 348 -12.88 -16.45 -20.52
C ILE A 348 -13.77 -15.23 -20.29
N SER A 349 -13.32 -14.30 -19.43
CA SER A 349 -14.16 -13.18 -19.06
C SER A 349 -14.33 -12.17 -20.20
N ILE A 350 -13.26 -11.86 -20.92
CA ILE A 350 -13.34 -10.81 -21.95
C ILE A 350 -13.29 -11.31 -23.40
N GLY A 351 -12.95 -12.59 -23.58
CA GLY A 351 -13.00 -13.20 -24.90
C GLY A 351 -11.66 -13.22 -25.61
N TYR A 352 -11.51 -14.14 -26.55
CA TYR A 352 -10.27 -14.26 -27.32
C TYR A 352 -9.85 -12.96 -27.99
N ASP A 353 -10.76 -12.33 -28.73
CA ASP A 353 -10.42 -11.10 -29.44
C ASP A 353 -9.92 -9.98 -28.51
N ASN A 354 -10.55 -9.80 -27.34
CA ASN A 354 -10.08 -8.79 -26.41
C ASN A 354 -8.77 -9.20 -25.72
N PHE A 355 -8.55 -10.50 -25.57
CA PHE A 355 -7.28 -10.94 -24.99
C PHE A 355 -6.16 -10.65 -25.99
N VAL A 356 -6.45 -10.84 -27.26
CA VAL A 356 -5.48 -10.54 -28.30
C VAL A 356 -5.18 -9.03 -28.35
N GLU A 357 -6.19 -8.21 -28.10
CA GLU A 357 -5.97 -6.79 -27.94
C GLU A 357 -5.02 -6.48 -26.77
N LEU A 358 -5.22 -7.17 -25.65
CA LEU A 358 -4.34 -7.03 -24.48
C LEU A 358 -2.89 -7.37 -24.83
N LEU A 359 -2.68 -8.52 -25.48
CA LEU A 359 -1.35 -8.91 -25.95
C LEU A 359 -0.78 -7.88 -26.93
N THR A 360 -1.62 -7.38 -27.84
CA THR A 360 -1.15 -6.46 -28.87
C THR A 360 -0.65 -5.17 -28.23
N GLY A 361 -1.35 -4.71 -27.20
CA GLY A 361 -0.94 -3.48 -26.53
C GLY A 361 0.43 -3.62 -25.90
N ALA A 362 0.68 -4.77 -25.29
CA ALA A 362 1.99 -5.01 -24.69
C ALA A 362 3.03 -5.09 -25.80
N HIS A 363 2.69 -5.75 -26.89
CA HIS A 363 3.59 -5.91 -28.03
C HIS A 363 4.03 -4.57 -28.61
N ILE A 364 3.09 -3.64 -28.76
CA ILE A 364 3.42 -2.34 -29.31
C ILE A 364 4.36 -1.58 -28.37
N MET A 365 4.11 -1.70 -27.06
CA MET A 365 5.00 -1.10 -26.07
C MET A 365 6.38 -1.80 -26.12
N ASP A 366 6.39 -3.12 -26.30
CA ASP A 366 7.65 -3.85 -26.49
C ASP A 366 8.45 -3.30 -27.67
N GLU A 367 7.77 -3.06 -28.79
CA GLU A 367 8.44 -2.57 -29.99
C GLU A 367 9.00 -1.18 -29.77
N HIS A 368 8.25 -0.34 -29.08
CA HIS A 368 8.70 1.00 -28.73
C HIS A 368 9.92 0.94 -27.82
N PHE A 369 9.84 0.11 -26.80
CA PHE A 369 10.91 -0.03 -25.83
C PHE A 369 12.22 -0.46 -26.48
N ILE A 370 12.16 -1.48 -27.33
CA ILE A 370 13.40 -2.04 -27.86
C ILE A 370 13.98 -1.15 -28.97
N ASN A 371 13.15 -0.41 -29.68
CA ASN A 371 13.60 0.33 -30.86
C ASN A 371 13.79 1.83 -30.69
N ALA A 372 13.05 2.47 -29.79
CA ALA A 372 13.12 3.92 -29.66
C ALA A 372 14.46 4.35 -29.06
N PRO A 373 15.01 5.48 -29.55
CA PRO A 373 16.23 6.03 -28.97
C PRO A 373 16.03 6.39 -27.51
N THR A 374 17.06 6.21 -26.71
CA THR A 374 17.03 6.40 -25.26
C THR A 374 16.36 7.70 -24.85
N GLU A 375 16.68 8.79 -25.54
CA GLU A 375 16.13 10.11 -25.25
C GLU A 375 14.62 10.21 -25.46
N ASN A 376 14.05 9.28 -26.23
CA ASN A 376 12.62 9.29 -26.53
C ASN A 376 11.97 7.96 -26.22
N ASN A 377 12.47 7.32 -25.16
CA ASN A 377 12.09 5.96 -24.81
C ASN A 377 11.30 6.03 -23.50
N LEU A 378 10.00 5.79 -23.56
CA LEU A 378 9.13 6.05 -22.41
C LEU A 378 9.46 5.19 -21.17
N PRO A 379 9.60 3.86 -21.34
CA PRO A 379 9.95 3.11 -20.13
C PRO A 379 11.34 3.50 -19.57
N ILE A 380 12.30 3.82 -20.42
CA ILE A 380 13.63 4.18 -19.92
C ILE A 380 13.57 5.49 -19.13
N ILE A 381 12.78 6.44 -19.62
CA ILE A 381 12.61 7.71 -18.92
C ILE A 381 11.94 7.50 -17.57
N LEU A 382 10.91 6.68 -17.51
CA LEU A 382 10.30 6.33 -16.21
C LEU A 382 11.32 5.76 -15.23
N ALA A 383 12.14 4.87 -15.72
CA ALA A 383 13.16 4.24 -14.88
C ALA A 383 14.18 5.26 -14.36
N LEU A 384 14.58 6.19 -15.24
CA LEU A 384 15.61 7.18 -14.90
C LEU A 384 15.10 8.22 -13.92
N VAL A 385 13.86 8.68 -14.13
CA VAL A 385 13.21 9.57 -13.16
C VAL A 385 13.13 8.86 -11.80
N GLY A 386 12.73 7.59 -11.80
CA GLY A 386 12.64 6.84 -10.56
C GLY A 386 13.99 6.72 -9.86
N ILE A 387 15.05 6.50 -10.63
CA ILE A 387 16.39 6.38 -10.05
C ILE A 387 16.90 7.69 -9.47
N TRP A 388 16.59 8.79 -10.14
CA TRP A 388 16.95 10.11 -9.62
C TRP A 388 16.41 10.28 -8.19
N TYR A 389 15.14 9.91 -7.97
CA TYR A 389 14.56 10.07 -6.65
C TYR A 389 14.98 8.95 -5.68
N ASN A 390 14.97 7.72 -6.16
CA ASN A 390 15.35 6.58 -5.33
C ASN A 390 16.78 6.66 -4.82
N ASN A 391 17.69 7.04 -5.71
CA ASN A 391 19.11 6.91 -5.41
C ASN A 391 19.82 8.22 -5.08
N PHE A 392 19.25 9.36 -5.48
CA PHE A 392 19.94 10.62 -5.20
C PHE A 392 19.18 11.45 -4.16
N PHE A 393 17.86 11.57 -4.32
CA PHE A 393 17.04 12.18 -3.27
C PHE A 393 16.90 11.24 -2.07
N GLY A 394 16.96 9.94 -2.32
CA GLY A 394 16.88 8.95 -1.26
C GLY A 394 15.46 8.62 -0.81
N SER A 395 14.49 8.78 -1.70
CA SER A 395 13.11 8.41 -1.37
CA SER A 395 13.11 8.41 -1.37
C SER A 395 12.96 6.89 -1.33
N GLU A 396 12.30 6.38 -0.29
CA GLU A 396 12.16 4.93 -0.14
C GLU A 396 10.95 4.37 -0.89
N THR A 397 10.01 5.23 -1.28
CA THR A 397 8.74 4.72 -1.80
C THR A 397 8.40 5.22 -3.19
N GLN A 398 7.39 4.59 -3.76
CA GLN A 398 6.82 4.98 -5.05
C GLN A 398 5.30 4.83 -4.95
N ALA A 399 4.56 5.94 -5.13
CA ALA A 399 3.12 5.87 -5.08
C ALA A 399 2.56 5.60 -6.48
N ILE A 400 1.54 4.74 -6.55
CA ILE A 400 0.86 4.42 -7.80
C ILE A 400 -0.60 4.80 -7.60
N LEU A 401 -1.08 5.81 -8.34
CA LEU A 401 -2.37 6.43 -8.07
C LEU A 401 -3.23 6.49 -9.33
N PRO A 402 -3.94 5.40 -9.64
CA PRO A 402 -4.79 5.34 -10.84
C PRO A 402 -6.15 6.00 -10.61
N TYR A 403 -6.46 6.99 -11.43
CA TYR A 403 -7.75 7.68 -11.32
C TYR A 403 -8.77 6.95 -12.18
N ASP A 404 -8.97 5.68 -11.84
CA ASP A 404 -9.87 4.80 -12.56
C ASP A 404 -10.24 3.68 -11.61
N GLN A 405 -11.50 3.66 -11.20
CA GLN A 405 -11.95 2.68 -10.22
C GLN A 405 -11.71 1.23 -10.70
N TYR A 406 -11.83 0.99 -12.01
CA TYR A 406 -11.52 -0.36 -12.53
C TYR A 406 -10.08 -0.78 -12.26
N LEU A 407 -9.18 0.19 -12.12
CA LEU A 407 -7.77 -0.12 -11.87
C LEU A 407 -7.42 -0.24 -10.39
N TRP A 408 -8.40 -0.53 -9.54
CA TRP A 408 -8.16 -0.47 -8.10
C TRP A 408 -7.16 -1.51 -7.61
N ARG A 409 -6.92 -2.54 -8.42
CA ARG A 409 -5.94 -3.57 -8.05
C ARG A 409 -4.57 -3.36 -8.69
N LEU A 410 -4.42 -2.31 -9.50
CA LEU A 410 -3.11 -2.03 -10.12
C LEU A 410 -1.98 -1.80 -9.11
N PRO A 411 -2.21 -1.02 -8.04
CA PRO A 411 -1.08 -0.86 -7.11
C PRO A 411 -0.60 -2.18 -6.51
N ALA A 412 -1.51 -3.04 -6.08
CA ALA A 412 -1.13 -4.34 -5.54
C ALA A 412 -0.37 -5.18 -6.57
N TYR A 413 -0.81 -5.11 -7.83
CA TYR A 413 -0.14 -5.84 -8.90
C TYR A 413 1.28 -5.30 -9.13
N LEU A 414 1.43 -3.99 -9.15
CA LEU A 414 2.76 -3.40 -9.33
C LEU A 414 3.64 -3.59 -8.10
N GLN A 415 3.02 -3.80 -6.94
CA GLN A 415 3.78 -4.16 -5.75
C GLN A 415 4.57 -5.43 -6.00
N GLN A 416 3.94 -6.45 -6.56
CA GLN A 416 4.70 -7.64 -6.87
C GLN A 416 5.69 -7.39 -8.00
N LEU A 417 5.23 -6.78 -9.09
CA LEU A 417 6.06 -6.62 -10.27
C LEU A 417 7.35 -5.89 -9.92
N ASP A 418 7.22 -4.80 -9.18
CA ASP A 418 8.37 -3.97 -8.86
C ASP A 418 9.17 -4.55 -7.68
N MET A 419 8.52 -4.77 -6.55
CA MET A 419 9.24 -5.15 -5.33
C MET A 419 9.81 -6.57 -5.36
N GLU A 420 9.10 -7.53 -5.96
CA GLU A 420 9.64 -8.89 -6.02
C GLU A 420 10.75 -8.99 -7.07
N SER A 421 10.70 -8.12 -8.08
CA SER A 421 11.77 -8.06 -9.08
C SER A 421 13.03 -7.42 -8.51
N ASN A 422 12.89 -6.22 -7.94
CA ASN A 422 14.07 -5.41 -7.63
C ASN A 422 14.37 -5.21 -6.16
N GLY A 423 13.65 -5.93 -5.30
CA GLY A 423 13.92 -5.88 -3.87
C GLY A 423 15.07 -6.81 -3.56
N LYS A 424 16.28 -6.43 -4.00
CA LYS A 424 17.46 -7.30 -3.96
C LYS A 424 18.62 -6.58 -3.32
N GLY A 425 19.55 -7.33 -2.72
CA GLY A 425 20.68 -6.74 -2.03
C GLY A 425 22.03 -7.17 -2.55
N ALA A 426 22.03 -8.18 -3.42
CA ALA A 426 23.25 -8.70 -4.01
C ALA A 426 23.19 -8.60 -5.53
N THR A 427 24.35 -8.36 -6.15
CA THR A 427 24.44 -8.21 -7.60
C THR A 427 24.64 -9.55 -8.30
N LYS A 428 24.46 -9.56 -9.62
CA LYS A 428 24.65 -10.78 -10.40
C LYS A 428 26.10 -11.21 -10.41
N ASN A 429 27.02 -10.30 -10.10
CA ASN A 429 28.42 -10.66 -10.04
C ASN A 429 28.87 -10.96 -8.60
N GLY A 430 27.91 -11.20 -7.72
CA GLY A 430 28.21 -11.71 -6.39
C GLY A 430 28.75 -10.72 -5.37
N ARG A 431 28.40 -9.45 -5.54
CA ARG A 431 28.80 -8.39 -4.59
C ARG A 431 27.58 -7.83 -3.88
N MET A 432 27.79 -7.08 -2.81
CA MET A 432 26.66 -6.36 -2.21
C MET A 432 26.52 -5.03 -2.94
N VAL A 433 25.28 -4.59 -3.14
CA VAL A 433 25.02 -3.30 -3.78
C VAL A 433 25.56 -2.17 -2.91
N SER A 434 25.97 -1.08 -3.55
CA SER A 434 26.39 0.13 -2.85
C SER A 434 25.35 1.22 -3.03
N THR A 435 24.23 0.86 -3.65
CA THR A 435 23.16 1.80 -3.97
C THR A 435 21.81 1.21 -3.59
N HIS A 436 20.83 2.05 -3.28
CA HIS A 436 19.48 1.55 -3.03
C HIS A 436 18.96 0.82 -4.25
N THR A 437 18.16 -0.23 -4.02
CA THR A 437 17.49 -0.92 -5.12
C THR A 437 15.99 -0.60 -5.05
N GLY A 438 15.14 -1.57 -5.33
CA GLY A 438 13.73 -1.27 -5.55
C GLY A 438 13.04 -0.54 -4.42
N PRO A 439 12.17 0.44 -4.76
CA PRO A 439 11.42 1.17 -3.73
C PRO A 439 10.17 0.41 -3.25
N ILE A 440 9.61 0.86 -2.14
CA ILE A 440 8.35 0.31 -1.65
C ILE A 440 7.19 0.92 -2.43
N ILE A 441 6.37 0.07 -3.05
CA ILE A 441 5.18 0.51 -3.81
C ILE A 441 3.93 0.60 -2.93
N PHE A 442 3.16 1.67 -3.05
CA PHE A 442 1.88 1.75 -2.35
C PHE A 442 0.92 2.61 -3.16
N GLY A 443 -0.37 2.53 -2.85
CA GLY A 443 -1.33 3.40 -3.52
C GLY A 443 -2.75 2.89 -3.52
N GLU A 444 -3.69 3.77 -3.86
CA GLU A 444 -5.10 3.43 -3.97
C GLU A 444 -5.66 4.24 -5.12
N ALA A 445 -6.73 3.77 -5.74
CA ALA A 445 -7.35 4.49 -6.83
C ALA A 445 -7.77 5.90 -6.39
N GLY A 446 -7.59 6.88 -7.28
CA GLY A 446 -8.09 8.22 -7.02
C GLY A 446 -9.53 8.29 -7.50
N THR A 447 -10.36 9.15 -6.89
CA THR A 447 -9.91 10.16 -5.94
C THR A 447 -9.83 9.72 -4.49
N ASN A 448 -10.18 8.47 -4.19
CA ASN A 448 -10.29 8.02 -2.80
C ASN A 448 -9.06 8.31 -1.94
N GLY A 449 -7.87 8.12 -2.53
CA GLY A 449 -6.64 8.35 -1.79
C GLY A 449 -6.48 9.77 -1.27
N GLN A 450 -7.05 10.74 -1.98
CA GLN A 450 -7.01 12.14 -1.56
C GLN A 450 -7.62 12.34 -0.20
N HIS A 451 -8.59 11.49 0.13
CA HIS A 451 -9.36 11.63 1.35
C HIS A 451 -8.84 10.65 2.40
N ALA A 452 -7.71 10.02 2.09
CA ALA A 452 -7.13 9.02 2.99
C ALA A 452 -5.71 9.36 3.41
N PHE A 453 -4.79 9.45 2.45
CA PHE A 453 -3.37 9.61 2.81
C PHE A 453 -2.63 10.71 2.05
N TYR A 454 -3.28 11.42 1.14
CA TYR A 454 -2.57 12.50 0.42
C TYR A 454 -2.13 13.62 1.37
N GLN A 455 -2.84 13.77 2.48
CA GLN A 455 -2.42 14.67 3.55
C GLN A 455 -0.93 14.55 3.80
N LEU A 456 -0.45 13.32 3.93
CA LEU A 456 0.96 13.09 4.22
C LEU A 456 1.80 13.38 2.98
N ILE A 457 1.32 13.03 1.80
CA ILE A 457 2.10 13.33 0.60
C ILE A 457 2.32 14.84 0.45
N HIS A 458 1.31 15.63 0.84
CA HIS A 458 1.38 17.08 0.71
C HIS A 458 2.17 17.78 1.81
N GLN A 459 2.04 17.32 3.06
CA GLN A 459 2.57 18.08 4.20
C GLN A 459 3.52 17.33 5.14
N GLY A 460 3.75 16.05 4.87
CA GLY A 460 4.64 15.25 5.73
C GLY A 460 6.12 15.47 5.47
N THR A 461 6.97 14.69 6.15
CA THR A 461 8.40 14.89 6.04
C THR A 461 9.10 13.96 5.03
N LYS A 462 8.34 13.21 4.23
CA LYS A 462 8.97 12.39 3.21
C LYS A 462 8.66 12.88 1.80
N LEU A 463 9.65 12.78 0.92
CA LEU A 463 9.43 13.04 -0.49
C LEU A 463 8.96 11.73 -1.12
N ILE A 464 7.79 11.79 -1.76
CA ILE A 464 7.18 10.59 -2.33
C ILE A 464 6.89 10.78 -3.81
N PRO A 465 7.70 10.12 -4.67
CA PRO A 465 7.39 10.20 -6.10
C PRO A 465 6.03 9.57 -6.37
N CYS A 466 5.21 10.21 -7.19
CA CYS A 466 3.86 9.72 -7.47
C CYS A 466 3.66 9.52 -8.97
N ASP A 467 3.17 8.35 -9.37
CA ASP A 467 2.67 8.16 -10.74
C ASP A 467 1.17 8.33 -10.73
N PHE A 468 0.67 9.37 -11.37
CA PHE A 468 -0.76 9.59 -11.50
C PHE A 468 -1.18 9.00 -12.84
N ILE A 469 -2.15 8.09 -12.85
CA ILE A 469 -2.52 7.41 -14.09
C ILE A 469 -3.99 7.61 -14.37
N GLY A 470 -4.32 8.01 -15.59
CA GLY A 470 -5.71 8.29 -15.90
C GLY A 470 -6.09 8.03 -17.34
N ALA A 471 -7.40 8.00 -17.57
CA ALA A 471 -7.95 7.86 -18.91
C ALA A 471 -8.72 9.12 -19.26
N ILE A 472 -8.51 9.63 -20.47
CA ILE A 472 -9.19 10.82 -20.96
CA ILE A 472 -9.19 10.84 -20.91
C ILE A 472 -10.70 10.58 -21.10
N GLN A 473 -11.04 9.36 -21.49
CA GLN A 473 -12.44 8.96 -21.68
C GLN A 473 -12.87 7.87 -20.71
N THR A 474 -14.10 7.97 -20.23
CA THR A 474 -14.68 6.98 -19.33
C THR A 474 -15.47 5.93 -20.11
N GLN A 475 -15.59 4.73 -19.55
CA GLN A 475 -16.52 3.73 -20.09
C GLN A 475 -17.92 3.91 -19.52
N ASN A 476 -18.05 4.72 -18.48
CA ASN A 476 -19.33 4.88 -17.80
C ASN A 476 -19.78 6.32 -17.68
N TYR A 477 -20.36 6.83 -18.76
CA TYR A 477 -20.80 8.23 -18.77
C TYR A 477 -21.98 8.42 -17.80
N ILE A 478 -21.80 9.28 -16.81
CA ILE A 478 -22.93 9.69 -15.97
C ILE A 478 -22.69 11.08 -15.43
N GLY A 479 -23.65 11.98 -15.68
CA GLY A 479 -23.55 13.34 -15.18
C GLY A 479 -22.22 14.02 -15.52
N GLU A 480 -21.64 14.70 -14.53
CA GLU A 480 -20.34 15.34 -14.71
C GLU A 480 -19.22 14.58 -14.01
N HIS A 481 -19.46 13.31 -13.71
CA HIS A 481 -18.53 12.55 -12.88
C HIS A 481 -17.11 12.50 -13.44
N HIS A 482 -16.98 12.22 -14.73
CA HIS A 482 -15.64 12.07 -15.27
C HIS A 482 -14.90 13.41 -15.31
N ARG A 483 -15.60 14.49 -15.63
CA ARG A 483 -14.95 15.79 -15.55
C ARG A 483 -14.51 16.10 -14.11
N ILE A 484 -15.33 15.75 -13.13
CA ILE A 484 -14.94 16.02 -11.74
C ILE A 484 -13.73 15.18 -11.36
N LEU A 485 -13.77 13.91 -11.73
CA LEU A 485 -12.66 12.98 -11.49
C LEU A 485 -11.35 13.54 -12.03
N MET A 486 -11.37 14.01 -13.27
CA MET A 486 -10.13 14.43 -13.91
C MET A 486 -9.70 15.84 -13.50
N SER A 487 -10.62 16.67 -13.02
CA SER A 487 -10.21 17.97 -12.50
C SER A 487 -9.32 17.75 -11.27
N ASN A 488 -9.61 16.69 -10.52
CA ASN A 488 -8.79 16.31 -9.36
C ASN A 488 -7.42 15.77 -9.77
N PHE A 489 -7.45 14.92 -10.79
CA PHE A 489 -6.24 14.35 -11.36
C PHE A 489 -5.23 15.44 -11.75
N PHE A 490 -5.70 16.49 -12.43
CA PHE A 490 -4.81 17.57 -12.85
C PHE A 490 -4.44 18.49 -11.68
N ALA A 491 -5.39 18.71 -10.79
CA ALA A 491 -5.16 19.64 -9.68
C ALA A 491 -4.18 19.10 -8.65
N GLN A 492 -4.19 17.80 -8.42
CA GLN A 492 -3.35 17.24 -7.36
C GLN A 492 -1.89 17.37 -7.73
N THR A 493 -1.54 17.10 -8.98
CA THR A 493 -0.15 17.24 -9.41
C THR A 493 0.28 18.71 -9.44
N GLU A 494 -0.62 19.60 -9.87
CA GLU A 494 -0.34 21.03 -9.78
C GLU A 494 -0.06 21.43 -8.32
N ALA A 495 -0.94 21.02 -7.41
CA ALA A 495 -0.81 21.35 -6.00
C ALA A 495 0.50 20.84 -5.40
N LEU A 496 0.85 19.61 -5.72
CA LEU A 496 2.09 19.03 -5.22
C LEU A 496 3.28 19.89 -5.65
N MET A 497 3.26 20.35 -6.90
CA MET A 497 4.35 21.16 -7.43
C MET A 497 4.40 22.58 -6.86
N ILE A 498 3.27 23.29 -6.91
CA ILE A 498 3.35 24.71 -6.59
C ILE A 498 3.17 25.05 -5.12
N GLY A 499 2.52 24.16 -4.36
CA GLY A 499 2.30 24.41 -2.95
C GLY A 499 1.54 25.70 -2.68
N LYS A 500 1.78 26.27 -1.50
CA LYS A 500 1.07 27.48 -1.10
C LYS A 500 1.91 28.22 -0.08
N THR A 501 2.33 29.44 -0.40
CA THR A 501 3.31 30.16 0.43
C THR A 501 2.72 30.70 1.75
N PRO A 502 3.58 31.02 2.72
CA PRO A 502 3.11 31.65 3.95
C PRO A 502 2.34 32.95 3.70
N GLU A 503 2.78 33.72 2.70
CA GLU A 503 2.11 34.99 2.40
C GLU A 503 0.70 34.76 1.88
N GLU A 504 0.53 33.75 1.03
CA GLU A 504 -0.79 33.37 0.52
C GLU A 504 -1.71 32.92 1.64
N VAL A 505 -1.20 32.08 2.52
CA VAL A 505 -1.98 31.57 3.63
C VAL A 505 -2.44 32.70 4.55
N LYS A 506 -1.51 33.58 4.90
CA LYS A 506 -1.79 34.72 5.77
C LYS A 506 -2.88 35.60 5.18
N ARG A 507 -2.76 35.89 3.88
CA ARG A 507 -3.74 36.73 3.19
C ARG A 507 -5.14 36.11 3.28
N GLU A 508 -5.23 34.81 3.04
CA GLU A 508 -6.51 34.10 3.11
C GLU A 508 -7.09 34.11 4.52
N LEU A 509 -6.25 33.85 5.52
CA LEU A 509 -6.71 33.85 6.91
C LEU A 509 -7.18 35.23 7.32
N GLU A 510 -6.46 36.27 6.90
CA GLU A 510 -6.78 37.61 7.33
C GLU A 510 -8.07 38.12 6.67
N SER A 511 -8.35 37.64 5.47
CA SER A 511 -9.58 38.01 4.76
CA SER A 511 -9.57 38.02 4.78
C SER A 511 -10.77 37.32 5.39
N ALA A 512 -10.59 36.04 5.75
CA ALA A 512 -11.66 35.25 6.34
C ALA A 512 -12.09 35.76 7.71
N GLY A 513 -11.12 36.17 8.53
CA GLY A 513 -11.42 36.72 9.84
C GLY A 513 -11.89 35.68 10.83
N GLY A 514 -12.46 36.14 11.95
CA GLY A 514 -12.98 35.25 12.97
C GLY A 514 -11.92 34.59 13.84
N LYS A 515 -10.68 35.08 13.74
CA LYS A 515 -9.57 34.51 14.52
C LYS A 515 -8.70 35.60 15.12
N SER A 516 -8.18 35.34 16.31
CA SER A 516 -7.29 36.29 16.97
C SER A 516 -5.98 36.34 16.21
N GLU A 517 -5.18 37.36 16.46
CA GLU A 517 -3.86 37.44 15.84
C GLU A 517 -3.01 36.22 16.22
N ASP A 518 -3.08 35.82 17.50
CA ASP A 518 -2.37 34.64 17.98
C ASP A 518 -2.76 33.36 17.23
N GLU A 519 -4.06 33.17 17.03
CA GLU A 519 -4.54 31.99 16.30
C GLU A 519 -4.01 31.98 14.88
N ILE A 520 -4.02 33.15 14.22
CA ILE A 520 -3.53 33.24 12.85
C ILE A 520 -2.02 32.95 12.76
N GLN A 521 -1.24 33.57 13.66
CA GLN A 521 0.21 33.34 13.65
C GLN A 521 0.53 31.85 13.79
N LEU A 522 -0.19 31.16 14.66
CA LEU A 522 0.10 29.75 14.90
C LEU A 522 -0.37 28.89 13.73
N LEU A 523 -1.45 29.33 13.09
CA LEU A 523 -2.08 28.54 12.05
C LEU A 523 -1.35 28.60 10.70
N ILE A 524 -0.71 29.74 10.41
CA ILE A 524 -0.09 29.94 9.10
C ILE A 524 0.86 28.79 8.68
N PRO A 525 1.80 28.38 9.55
CA PRO A 525 2.70 27.27 9.18
C PRO A 525 1.99 25.94 9.01
N GLN A 526 0.91 25.74 9.77
CA GLN A 526 0.18 24.50 9.72
C GLN A 526 -0.63 24.39 8.43
N LYS A 527 -0.88 25.54 7.78
CA LYS A 527 -1.66 25.55 6.54
C LYS A 527 -0.80 25.86 5.31
N THR A 528 0.49 26.09 5.53
CA THR A 528 1.44 26.28 4.43
C THR A 528 1.78 24.94 3.75
N PHE A 529 1.97 24.97 2.44
CA PHE A 529 2.40 23.79 1.66
C PHE A 529 3.75 24.08 1.06
N THR A 530 4.76 23.24 1.30
CA THR A 530 6.09 23.49 0.72
C THR A 530 6.07 23.54 -0.81
N GLY A 531 5.22 22.73 -1.42
CA GLY A 531 5.31 22.52 -2.86
C GLY A 531 6.63 21.83 -3.20
N GLY A 532 7.02 21.88 -4.47
CA GLY A 532 8.24 21.21 -4.91
C GLY A 532 8.20 19.70 -4.71
N ARG A 533 7.00 19.13 -4.76
CA ARG A 533 6.82 17.70 -4.61
C ARG A 533 6.42 17.09 -5.96
N PRO A 534 7.17 16.06 -6.40
CA PRO A 534 7.12 15.61 -7.79
C PRO A 534 5.99 14.68 -8.16
N SER A 535 5.73 14.57 -9.46
CA SER A 535 4.77 13.61 -9.99
C SER A 535 5.05 13.33 -11.47
N ASN A 536 4.69 12.12 -11.91
CA ASN A 536 4.53 11.83 -13.32
C ASN A 536 3.04 11.78 -13.60
N SER A 537 2.61 12.29 -14.75
CA SER A 537 1.23 12.12 -15.17
C SER A 537 1.21 11.23 -16.41
N LEU A 538 0.51 10.11 -16.31
CA LEU A 538 0.36 9.12 -17.38
C LEU A 538 -1.07 9.10 -17.85
N LEU A 539 -1.28 9.26 -19.15
CA LEU A 539 -2.63 9.24 -19.70
C LEU A 539 -2.77 8.28 -20.86
N VAL A 540 -3.93 7.63 -20.92
CA VAL A 540 -4.36 6.92 -22.12
C VAL A 540 -5.64 7.57 -22.61
N LYS A 541 -6.02 7.30 -23.86
CA LYS A 541 -7.27 7.88 -24.34
C LYS A 541 -8.43 7.22 -23.62
N ALA A 542 -8.32 5.91 -23.44
CA ALA A 542 -9.37 5.11 -22.84
C ALA A 542 -8.76 3.80 -22.34
N LEU A 543 -9.25 3.29 -21.22
CA LEU A 543 -8.68 2.07 -20.66
C LEU A 543 -9.32 0.86 -21.34
N THR A 544 -8.83 0.58 -22.55
CA THR A 544 -9.22 -0.59 -23.33
C THR A 544 -8.26 -1.74 -23.03
N PRO A 545 -8.58 -2.97 -23.47
CA PRO A 545 -7.61 -4.07 -23.31
C PRO A 545 -6.23 -3.74 -23.90
N ARG A 546 -6.19 -3.11 -25.08
CA ARG A 546 -4.91 -2.72 -25.65
C ARG A 546 -4.17 -1.71 -24.75
N ALA A 547 -4.89 -0.71 -24.22
CA ALA A 547 -4.27 0.29 -23.37
C ALA A 547 -3.72 -0.35 -22.09
N LEU A 548 -4.49 -1.23 -21.47
CA LEU A 548 -4.00 -1.94 -20.28
C LEU A 548 -2.72 -2.71 -20.59
N GLY A 549 -2.70 -3.41 -21.72
CA GLY A 549 -1.53 -4.19 -22.11
C GLY A 549 -0.29 -3.32 -22.21
N ALA A 550 -0.43 -2.16 -22.84
CA ALA A 550 0.67 -1.24 -22.99
C ALA A 550 1.15 -0.74 -21.64
N ILE A 551 0.21 -0.45 -20.73
CA ILE A 551 0.56 0.11 -19.43
C ILE A 551 1.36 -0.88 -18.60
N ILE A 552 0.93 -2.14 -18.57
CA ILE A 552 1.65 -3.15 -17.79
CA ILE A 552 1.65 -3.16 -17.80
C ILE A 552 3.03 -3.40 -18.39
N ALA A 553 3.09 -3.54 -19.72
CA ALA A 553 4.38 -3.76 -20.38
C ALA A 553 5.35 -2.61 -20.09
N MET A 554 4.82 -1.40 -20.05
CA MET A 554 5.62 -0.22 -19.74
C MET A 554 6.29 -0.35 -18.36
N TYR A 555 5.54 -0.77 -17.36
CA TYR A 555 6.12 -0.97 -16.02
C TYR A 555 7.05 -2.16 -15.97
N GLU A 556 6.75 -3.21 -16.74
CA GLU A 556 7.68 -4.34 -16.82
C GLU A 556 9.04 -3.85 -17.30
N HIS A 557 9.03 -2.97 -18.27
CA HIS A 557 10.28 -2.52 -18.88
C HIS A 557 10.99 -1.49 -18.03
N LYS A 558 10.24 -0.66 -17.30
CA LYS A 558 10.83 0.25 -16.33
C LYS A 558 11.65 -0.53 -15.30
N VAL A 559 11.03 -1.60 -14.80
CA VAL A 559 11.65 -2.49 -13.82
C VAL A 559 12.92 -3.14 -14.39
N LEU A 560 12.84 -3.57 -15.64
CA LEU A 560 13.99 -4.14 -16.35
C LEU A 560 15.16 -3.14 -16.36
N VAL A 561 14.89 -1.92 -16.77
CA VAL A 561 15.95 -0.90 -16.87
C VAL A 561 16.57 -0.59 -15.51
N GLN A 562 15.74 -0.39 -14.48
CA GLN A 562 16.26 -0.08 -13.15
C GLN A 562 17.11 -1.22 -12.60
N GLY A 563 16.60 -2.44 -12.71
CA GLY A 563 17.35 -3.61 -12.27
C GLY A 563 18.69 -3.75 -12.97
N ALA A 564 18.70 -3.50 -14.27
CA ALA A 564 19.92 -3.61 -15.05
C ALA A 564 20.94 -2.54 -14.66
N ILE A 565 20.47 -1.33 -14.38
CA ILE A 565 21.37 -0.27 -13.95
C ILE A 565 21.98 -0.60 -12.59
N TRP A 566 21.18 -1.16 -11.68
CA TRP A 566 21.67 -1.49 -10.34
C TRP A 566 22.52 -2.76 -10.30
N GLY A 567 22.49 -3.52 -11.41
CA GLY A 567 23.32 -4.71 -11.54
C GLY A 567 22.75 -5.94 -10.83
N ILE A 568 21.47 -5.88 -10.51
CA ILE A 568 20.81 -6.99 -9.83
C ILE A 568 20.05 -7.83 -10.83
N ASN A 569 19.54 -8.98 -10.38
CA ASN A 569 18.72 -9.86 -11.21
C ASN A 569 17.24 -9.60 -10.93
N SER A 570 16.55 -9.02 -11.89
CA SER A 570 15.14 -8.68 -11.70
C SER A 570 14.22 -9.88 -11.79
N TYR A 571 14.77 -11.07 -12.07
CA TYR A 571 13.93 -12.17 -12.53
C TYR A 571 13.93 -13.42 -11.66
N ASP A 572 14.70 -13.40 -10.56
CA ASP A 572 14.63 -14.48 -9.58
C ASP A 572 13.90 -14.00 -8.31
N GLN A 573 13.79 -14.88 -7.31
CA GLN A 573 13.12 -14.50 -6.06
C GLN A 573 13.53 -15.43 -4.94
N TRP A 574 14.81 -15.38 -4.59
CA TRP A 574 15.36 -16.27 -3.57
C TRP A 574 14.84 -15.92 -2.17
N GLY A 575 14.35 -14.69 -2.04
CA GLY A 575 13.99 -14.13 -0.76
C GLY A 575 12.75 -14.75 -0.13
N VAL A 576 11.99 -15.52 -0.91
CA VAL A 576 10.81 -16.18 -0.36
C VAL A 576 11.09 -17.58 0.19
N GLU A 577 12.29 -18.11 -0.06
CA GLU A 577 12.56 -19.50 0.28
C GLU A 577 12.67 -19.75 1.79
N LEU A 578 13.29 -18.82 2.51
CA LEU A 578 13.54 -19.05 3.93
C LEU A 578 12.23 -19.17 4.71
N GLY A 579 11.25 -18.32 4.41
CA GLY A 579 9.98 -18.38 5.10
C GLY A 579 9.22 -19.68 4.87
N LYS A 580 9.32 -20.22 3.66
CA LYS A 580 8.63 -21.45 3.33
C LYS A 580 9.20 -22.62 4.14
N LEU A 581 10.52 -22.70 4.20
CA LEU A 581 11.21 -23.73 4.99
C LEU A 581 10.83 -23.66 6.47
N LEU A 582 10.89 -22.44 7.03
CA LEU A 582 10.59 -22.26 8.46
C LEU A 582 9.12 -22.55 8.77
N ALA A 583 8.21 -22.28 7.83
CA ALA A 583 6.80 -22.56 8.06
C ALA A 583 6.48 -24.06 8.06
N LYS A 584 7.14 -24.82 7.19
CA LYS A 584 6.93 -26.27 7.17
C LYS A 584 7.37 -26.89 8.49
N SER A 585 8.45 -26.34 9.05
CA SER A 585 8.97 -26.82 10.33
C SER A 585 8.00 -26.52 11.47
N ILE A 586 7.46 -25.31 11.48
CA ILE A 586 6.58 -24.89 12.56
C ILE A 586 5.23 -25.57 12.45
N LEU A 587 4.78 -25.83 11.23
CA LEU A 587 3.52 -26.55 11.04
C LEU A 587 3.52 -27.88 11.82
N LEU A 588 4.66 -28.57 11.82
CA LEU A 588 4.81 -29.85 12.53
C LEU A 588 4.58 -29.70 14.04
N GLN A 589 4.80 -28.49 14.55
CA GLN A 589 4.71 -28.24 15.98
C GLN A 589 3.37 -27.64 16.43
N LEU A 590 2.46 -27.39 15.49
CA LEU A 590 1.16 -26.82 15.87
C LEU A 590 0.17 -27.94 16.23
N GLN A 591 0.24 -28.38 17.47
CA GLN A 591 -0.69 -29.37 18.01
C GLN A 591 -1.09 -28.91 19.40
N PRO A 592 -2.36 -29.13 19.77
CA PRO A 592 -2.86 -28.66 21.07
C PRO A 592 -1.97 -29.11 22.24
N GLY A 593 -1.62 -28.18 23.10
CA GLY A 593 -0.84 -28.45 24.29
C GLY A 593 0.64 -28.69 24.10
N GLN A 594 1.13 -28.64 22.85
CA GLN A 594 2.52 -29.00 22.59
C GLN A 594 3.50 -27.90 23.02
N LYS A 595 4.52 -28.27 23.77
CA LYS A 595 5.54 -27.32 24.17
C LYS A 595 6.66 -27.30 23.14
N VAL A 596 7.27 -26.13 23.00
CA VAL A 596 8.28 -25.90 21.97
C VAL A 596 9.45 -25.13 22.56
N THR A 597 10.65 -25.65 22.35
CA THR A 597 11.84 -25.11 22.99
C THR A 597 13.00 -24.85 22.03
N ASN A 598 12.86 -25.23 20.76
CA ASN A 598 14.04 -25.24 19.88
C ASN A 598 14.30 -23.95 19.11
N HIS A 599 13.33 -23.03 19.07
CA HIS A 599 13.56 -21.75 18.42
C HIS A 599 14.04 -20.68 19.41
N ASP A 600 14.12 -19.45 18.92
CA ASP A 600 14.27 -18.28 19.80
C ASP A 600 13.05 -18.21 20.73
N SER A 601 13.16 -17.51 21.85
CA SER A 601 12.09 -17.51 22.86
C SER A 601 10.79 -16.87 22.36
N SER A 602 10.88 -15.96 21.39
CA SER A 602 9.68 -15.34 20.82
C SER A 602 8.89 -16.36 20.00
N THR A 603 9.54 -16.97 19.02
CA THR A 603 8.93 -18.02 18.22
C THR A 603 8.40 -19.15 19.13
N ASN A 604 9.19 -19.53 20.14
CA ASN A 604 8.73 -20.55 21.09
C ASN A 604 7.44 -20.13 21.80
N GLY A 605 7.45 -18.91 22.33
CA GLY A 605 6.35 -18.41 23.14
C GLY A 605 5.08 -18.21 22.32
N LEU A 606 5.24 -17.69 21.10
CA LEU A 606 4.10 -17.47 20.21
C LEU A 606 3.42 -18.80 19.86
N ILE A 607 4.23 -19.79 19.47
CA ILE A 607 3.72 -21.12 19.16
C ILE A 607 3.05 -21.75 20.38
N GLU A 608 3.67 -21.64 21.55
CA GLU A 608 3.06 -22.19 22.76
C GLU A 608 1.74 -21.50 23.10
N LEU A 609 1.69 -20.19 22.87
CA LEU A 609 0.46 -19.44 23.10
C LEU A 609 -0.64 -19.96 22.18
N PHE A 610 -0.27 -20.18 20.92
CA PHE A 610 -1.20 -20.73 19.95
C PHE A 610 -1.68 -22.12 20.37
N ASN A 611 -0.75 -22.97 20.77
CA ASN A 611 -1.09 -24.34 21.15
C ASN A 611 -1.89 -24.42 22.45
N GLU A 612 -1.66 -23.48 23.35
CA GLU A 612 -2.40 -23.44 24.61
C GLU A 612 -3.84 -22.96 24.43
N ARG A 613 -4.07 -22.10 23.45
CA ARG A 613 -5.39 -21.46 23.35
C ARG A 613 -6.15 -21.75 22.05
N SER A 614 -5.60 -22.61 21.19
CA SER A 614 -6.28 -22.96 19.94
C SER A 614 -7.58 -23.71 20.21
N HIS A 615 -7.74 -24.20 21.45
CA HIS A 615 -8.99 -24.80 21.91
C HIS A 615 -9.31 -24.36 23.33
N HIS B 5 24.60 35.26 6.26
CA HIS B 5 23.94 34.35 7.19
C HIS B 5 24.19 32.91 6.79
N HIS B 6 23.98 32.61 5.51
CA HIS B 6 24.15 31.25 5.00
C HIS B 6 25.57 30.74 5.23
N HIS B 7 26.55 31.64 5.10
CA HIS B 7 27.94 31.29 5.34
C HIS B 7 28.19 31.00 6.80
N HIS B 8 27.53 31.77 7.67
CA HIS B 8 27.62 31.55 9.10
C HIS B 8 27.01 30.20 9.47
N MET B 9 25.88 29.87 8.85
CA MET B 9 25.22 28.60 9.13
C MET B 9 26.10 27.43 8.73
N LYS B 10 26.82 27.57 7.63
CA LYS B 10 27.73 26.51 7.18
C LYS B 10 28.88 26.29 8.15
N ASP B 11 29.52 27.39 8.56
CA ASP B 11 30.63 27.32 9.49
C ASP B 11 30.16 26.65 10.78
N GLN B 12 28.94 26.98 11.19
CA GLN B 12 28.33 26.37 12.37
C GLN B 12 28.01 24.90 12.14
N TYR B 13 27.43 24.57 10.99
CA TYR B 13 27.15 23.18 10.65
C TYR B 13 28.42 22.33 10.80
N LEU B 14 29.50 22.79 10.19
CA LEU B 14 30.77 22.07 10.22
C LEU B 14 31.33 21.92 11.63
N LYS B 15 31.18 22.96 12.44
CA LYS B 15 31.57 22.90 13.85
C LYS B 15 30.77 21.85 14.60
N ASP B 16 29.47 21.83 14.36
CA ASP B 16 28.56 20.89 15.04
C ASP B 16 28.86 19.46 14.62
N LEU B 17 29.18 19.26 13.35
CA LEU B 17 29.53 17.94 12.85
C LEU B 17 30.85 17.44 13.47
N THR B 18 31.83 18.32 13.56
CA THR B 18 33.11 17.96 14.15
C THR B 18 32.93 17.56 15.61
N VAL B 19 32.23 18.39 16.37
CA VAL B 19 31.90 18.10 17.76
C VAL B 19 31.17 16.75 17.89
N HIS B 20 30.17 16.54 17.03
CA HIS B 20 29.35 15.33 17.13
C HIS B 20 30.20 14.07 16.94
N LEU B 21 31.08 14.09 15.92
CA LEU B 21 31.95 12.94 15.63
C LEU B 21 33.00 12.73 16.71
N ASN B 22 33.55 13.82 17.23
CA ASN B 22 34.51 13.73 18.35
C ASN B 22 33.90 13.12 19.60
N GLU B 23 32.62 13.40 19.82
CA GLU B 23 31.96 12.99 21.06
C GLU B 23 31.16 11.70 20.91
N SER B 24 31.06 11.16 19.70
CA SER B 24 30.20 10.00 19.45
C SER B 24 30.73 8.70 20.04
N ASN B 25 29.83 7.83 20.49
CA ASN B 25 30.24 6.52 21.02
C ASN B 25 30.24 5.41 19.96
N ALA B 26 29.95 5.76 18.72
CA ALA B 26 29.88 4.77 17.64
C ALA B 26 31.19 4.00 17.49
N ALA B 27 31.08 2.69 17.23
CA ALA B 27 32.24 1.87 16.91
C ALA B 27 32.97 2.42 15.66
N PRO B 28 34.29 2.20 15.59
CA PRO B 28 35.10 2.70 14.46
C PRO B 28 34.58 2.31 13.07
N ALA B 29 33.97 1.14 12.93
CA ALA B 29 33.47 0.73 11.62
C ALA B 29 32.18 1.44 11.27
N ASN B 30 31.56 2.09 12.25
CA ASN B 30 30.20 2.61 12.11
C ASN B 30 30.11 4.13 12.11
N THR B 31 31.19 4.81 11.74
CA THR B 31 31.21 6.27 11.78
C THR B 31 30.07 6.84 10.92
N SER B 32 29.79 6.19 9.81
CA SER B 32 28.72 6.63 8.91
C SER B 32 27.35 6.70 9.62
N MET B 33 27.21 5.90 10.67
CA MET B 33 25.95 5.83 11.41
C MET B 33 25.83 7.06 12.33
N ALA B 34 26.95 7.51 12.88
CA ALA B 34 26.94 8.73 13.69
C ALA B 34 26.67 9.96 12.83
N VAL B 35 27.26 9.97 11.63
CA VAL B 35 27.02 11.08 10.69
C VAL B 35 25.54 11.13 10.29
N ALA B 36 24.94 9.98 10.00
CA ALA B 36 23.53 9.92 9.60
C ALA B 36 22.62 10.42 10.72
N SER B 37 22.91 10.03 11.94
CA SER B 37 22.12 10.46 13.10
CA SER B 37 22.12 10.46 13.09
C SER B 37 22.25 11.96 13.32
N PHE B 38 23.48 12.47 13.27
CA PHE B 38 23.72 13.91 13.37
C PHE B 38 22.97 14.68 12.29
N ASN B 39 23.01 14.15 11.08
CA ASN B 39 22.58 14.88 9.89
C ASN B 39 21.07 14.85 9.68
N MET B 40 20.40 13.95 10.40
CA MET B 40 18.97 13.75 10.19
CA MET B 40 18.97 13.74 10.22
C MET B 40 18.15 15.02 10.40
N PRO B 41 18.30 15.70 11.55
CA PRO B 41 17.48 16.92 11.68
C PRO B 41 17.86 18.01 10.68
N HIS B 42 19.13 18.06 10.27
CA HIS B 42 19.55 19.05 9.29
C HIS B 42 18.86 18.80 7.94
N GLU B 43 18.75 17.53 7.57
CA GLU B 43 18.11 17.20 6.29
C GLU B 43 16.59 17.41 6.34
N ILE B 44 15.98 17.14 7.47
CA ILE B 44 14.54 17.38 7.67
CA ILE B 44 14.54 17.37 7.62
C ILE B 44 14.22 18.86 7.52
N THR B 45 14.97 19.69 8.23
CA THR B 45 14.72 21.12 8.22
C THR B 45 15.07 21.75 6.86
N ARG B 46 16.00 21.15 6.12
CA ARG B 46 16.26 21.61 4.75
C ARG B 46 15.04 21.33 3.86
N ARG B 47 14.49 20.12 3.98
CA ARG B 47 13.38 19.72 3.14
CA ARG B 47 13.36 19.68 3.18
C ARG B 47 12.10 20.48 3.48
N MET B 48 11.96 20.93 4.73
CA MET B 48 10.78 21.66 5.15
C MET B 48 10.98 23.16 5.11
N ARG B 49 12.15 23.58 4.63
CA ARG B 49 12.53 25.00 4.58
C ARG B 49 11.45 25.94 3.98
N PRO B 50 10.72 25.51 2.93
CA PRO B 50 9.74 26.45 2.40
C PRO B 50 8.55 26.77 3.32
N LEU B 51 8.47 26.12 4.48
CA LEU B 51 7.45 26.50 5.47
C LEU B 51 7.77 27.88 6.05
N GLY B 52 9.04 28.26 5.99
CA GLY B 52 9.45 29.61 6.33
C GLY B 52 9.36 29.97 7.80
N VAL B 53 9.50 28.98 8.67
CA VAL B 53 9.47 29.22 10.10
C VAL B 53 10.65 28.50 10.77
N ASP B 54 10.94 28.87 12.01
CA ASP B 54 12.05 28.29 12.75
C ASP B 54 11.84 26.83 13.06
N ALA B 55 12.95 26.12 13.24
CA ALA B 55 12.90 24.71 13.60
C ALA B 55 12.56 24.54 15.08
N ASP B 56 11.67 23.59 15.37
CA ASP B 56 11.34 23.20 16.74
C ASP B 56 12.50 22.42 17.35
N THR B 57 13.00 22.86 18.50
CA THR B 57 14.08 22.13 19.17
C THR B 57 13.60 21.43 20.46
N SER B 58 12.31 21.51 20.76
CA SER B 58 11.82 21.06 22.07
C SER B 58 11.91 19.54 22.20
N LEU B 59 11.79 18.81 21.11
CA LEU B 59 11.91 17.36 21.16
C LEU B 59 13.37 16.92 21.10
N THR B 60 14.10 17.43 20.10
CA THR B 60 15.48 17.02 19.90
C THR B 60 16.40 17.38 21.07
N SER B 61 16.00 18.35 21.89
CA SER B 61 16.84 18.74 23.03
C SER B 61 16.45 18.02 24.34
N CYS B 62 15.44 17.15 24.27
CA CYS B 62 15.08 16.32 25.43
C CYS B 62 16.28 15.45 25.79
N PRO B 63 16.62 15.37 27.08
CA PRO B 63 17.73 14.50 27.49
C PRO B 63 17.58 13.06 26.98
N SER B 64 16.36 12.54 26.98
CA SER B 64 16.08 11.18 26.48
CA SER B 64 16.12 11.18 26.48
C SER B 64 16.30 11.08 24.98
N TRP B 65 16.02 12.16 24.24
CA TRP B 65 16.25 12.12 22.81
C TRP B 65 17.74 12.06 22.53
N ARG B 66 18.52 12.84 23.28
CA ARG B 66 19.97 12.81 23.15
C ARG B 66 20.48 11.41 23.49
N ARG B 67 19.89 10.81 24.52
CA ARG B 67 20.30 9.47 24.96
C ARG B 67 19.94 8.39 23.91
N LEU B 68 18.74 8.51 23.33
CA LEU B 68 18.32 7.56 22.31
C LEU B 68 19.23 7.64 21.10
N GLN B 69 19.66 8.85 20.74
CA GLN B 69 20.59 9.01 19.63
C GLN B 69 21.93 8.34 19.95
N GLU B 70 22.43 8.53 21.17
CA GLU B 70 23.67 7.87 21.59
C GLU B 70 23.52 6.36 21.54
N LEU B 71 22.41 5.84 22.05
CA LEU B 71 22.19 4.39 22.07
C LEU B 71 22.05 3.84 20.66
N TYR B 72 21.46 4.62 19.76
CA TYR B 72 21.35 4.17 18.38
C TYR B 72 22.74 4.07 17.74
N GLU B 73 23.60 5.04 18.05
CA GLU B 73 24.94 5.06 17.48
C GLU B 73 25.77 3.90 18.03
N ILE B 74 25.40 3.44 19.21
CA ILE B 74 26.10 2.31 19.81
C ILE B 74 25.55 0.97 19.32
N HIS B 75 24.23 0.85 19.31
CA HIS B 75 23.59 -0.46 19.10
C HIS B 75 22.94 -0.65 17.73
N GLY B 76 22.84 0.41 16.94
CA GLY B 76 22.01 0.38 15.73
C GLY B 76 22.44 -0.61 14.66
N SER B 77 23.67 -1.08 14.74
CA SER B 77 24.18 -2.02 13.74
C SER B 77 24.24 -3.45 14.28
N GLU B 78 23.78 -3.65 15.52
CA GLU B 78 23.74 -4.98 16.13
C GLU B 78 22.63 -5.84 15.52
N SER B 79 22.75 -7.16 15.63
CA SER B 79 21.66 -8.03 15.23
C SER B 79 20.52 -7.95 16.24
N ILE B 80 19.36 -8.45 15.87
CA ILE B 80 18.24 -8.61 16.79
C ILE B 80 18.46 -9.85 17.67
N LEU B 81 18.99 -10.91 17.06
CA LEU B 81 19.19 -12.18 17.76
C LEU B 81 20.08 -12.03 18.99
N LYS B 82 21.00 -11.07 18.94
CA LYS B 82 21.93 -10.82 20.06
C LYS B 82 21.19 -10.73 21.41
N ASN B 83 20.09 -9.97 21.43
CA ASN B 83 19.31 -9.81 22.65
C ASN B 83 18.66 -11.12 23.13
N PHE B 84 18.25 -11.96 22.19
CA PHE B 84 17.70 -13.26 22.57
C PHE B 84 18.77 -14.20 23.11
N ASP B 85 19.96 -14.13 22.53
CA ASP B 85 21.07 -14.99 22.97
C ASP B 85 21.49 -14.60 24.38
N GLU B 86 21.25 -13.35 24.74
CA GLU B 86 21.73 -12.83 26.02
C GLU B 86 20.72 -12.99 27.15
N CYS B 87 19.43 -13.02 26.80
CA CYS B 87 18.37 -13.24 27.78
C CYS B 87 17.42 -14.34 27.33
N LYS B 88 17.49 -15.49 28.00
CA LYS B 88 16.74 -16.67 27.56
C LYS B 88 15.21 -16.53 27.67
N ASP B 89 14.71 -15.56 28.43
CA ASP B 89 13.27 -15.35 28.46
C ASP B 89 12.90 -13.93 28.03
N ARG B 90 13.59 -13.44 27.01
CA ARG B 90 13.30 -12.13 26.46
C ARG B 90 11.82 -12.01 26.06
N PHE B 91 11.25 -13.08 25.50
CA PHE B 91 9.84 -13.05 25.09
C PHE B 91 8.91 -12.62 26.22
N GLN B 92 9.08 -13.22 27.39
CA GLN B 92 8.23 -12.87 28.55
C GLN B 92 8.41 -11.42 28.99
N ARG B 93 9.61 -10.88 28.82
CA ARG B 93 9.89 -9.51 29.26
C ARG B 93 9.55 -8.45 28.20
N TYR B 94 9.35 -8.88 26.96
CA TYR B 94 9.06 -7.98 25.84
C TYR B 94 7.74 -8.36 25.17
N SER B 95 6.75 -8.69 25.99
CA SER B 95 5.40 -8.91 25.51
C SER B 95 4.39 -8.55 26.60
N LEU B 96 3.16 -8.28 26.22
CA LEU B 96 2.12 -8.01 27.21
C LEU B 96 0.74 -8.25 26.61
N GLU B 97 -0.25 -8.42 27.46
CA GLU B 97 -1.58 -8.84 27.04
C GLU B 97 -2.62 -7.92 27.65
N VAL B 98 -3.62 -7.54 26.85
CA VAL B 98 -4.76 -6.78 27.36
C VAL B 98 -5.99 -7.70 27.35
N ASP B 99 -6.54 -7.95 28.54
CA ASP B 99 -7.72 -8.79 28.70
C ASP B 99 -8.97 -8.06 28.19
N LEU B 100 -9.77 -8.71 27.34
CA LEU B 100 -10.95 -8.05 26.80
C LEU B 100 -12.22 -8.34 27.62
N ARG B 101 -12.03 -8.98 28.77
CA ARG B 101 -13.10 -9.23 29.74
C ARG B 101 -14.38 -9.78 29.14
N SER B 102 -14.23 -10.77 28.27
CA SER B 102 -15.35 -11.36 27.57
C SER B 102 -15.54 -12.83 27.94
N SER B 103 -16.71 -13.37 27.64
CA SER B 103 -17.03 -14.74 28.03
C SER B 103 -16.18 -15.76 27.29
N ASP B 104 -15.60 -15.35 26.16
CA ASP B 104 -14.75 -16.23 25.37
C ASP B 104 -13.27 -16.06 25.69
N LYS B 105 -12.96 -15.34 26.76
CA LYS B 105 -11.58 -15.12 27.21
C LYS B 105 -10.72 -14.53 26.10
N ASN B 106 -11.27 -13.58 25.36
CA ASN B 106 -10.52 -12.93 24.30
C ASN B 106 -9.54 -11.90 24.87
N PHE B 107 -8.61 -11.45 24.02
CA PHE B 107 -7.50 -10.62 24.46
C PHE B 107 -6.83 -9.98 23.27
N VAL B 108 -6.03 -8.96 23.52
CA VAL B 108 -5.07 -8.47 22.55
C VAL B 108 -3.67 -8.70 23.11
N PHE B 109 -2.85 -9.47 22.40
CA PHE B 109 -1.48 -9.78 22.85
C PHE B 109 -0.46 -9.16 21.91
N LEU B 110 0.51 -8.43 22.48
CA LEU B 110 1.59 -7.87 21.69
C LEU B 110 2.94 -8.46 22.09
N ASP B 111 3.63 -9.02 21.11
CA ASP B 111 5.02 -9.45 21.27
C ASP B 111 5.90 -8.48 20.49
N TYR B 112 6.64 -7.63 21.23
CA TYR B 112 7.48 -6.63 20.58
C TYR B 112 8.96 -6.98 20.77
N SER B 113 9.25 -8.27 20.92
CA SER B 113 10.60 -8.72 21.25
C SER B 113 11.56 -8.79 20.05
N LYS B 114 11.02 -9.02 18.84
CA LYS B 114 11.87 -9.10 17.65
C LYS B 114 12.20 -7.69 17.14
N THR B 115 12.90 -6.94 17.99
CA THR B 115 13.26 -5.56 17.74
C THR B 115 14.70 -5.31 18.23
N HIS B 116 15.30 -4.23 17.74
CA HIS B 116 16.63 -3.80 18.17
C HIS B 116 16.55 -3.00 19.46
N ILE B 117 15.90 -3.55 20.46
CA ILE B 117 15.66 -2.82 21.71
C ILE B 117 16.13 -3.65 22.89
N ASN B 118 17.09 -3.14 23.65
CA ASN B 118 17.54 -3.81 24.87
C ASN B 118 16.97 -3.07 26.07
N ASP B 119 17.26 -3.55 27.28
CA ASP B 119 16.63 -2.98 28.45
C ASP B 119 16.94 -1.50 28.63
N GLU B 120 18.14 -1.08 28.25
CA GLU B 120 18.51 0.32 28.40
C GLU B 120 17.73 1.19 27.43
N ILE B 121 17.69 0.77 26.17
CA ILE B 121 16.92 1.52 25.16
C ILE B 121 15.45 1.60 25.56
N LYS B 122 14.92 0.50 26.08
CA LYS B 122 13.52 0.49 26.48
C LYS B 122 13.26 1.47 27.64
N ASP B 123 14.16 1.49 28.64
CA ASP B 123 14.04 2.47 29.72
C ASP B 123 14.05 3.91 29.21
N VAL B 124 14.90 4.18 28.22
CA VAL B 124 15.03 5.54 27.73
C VAL B 124 13.81 5.94 26.89
N LEU B 125 13.24 4.97 26.17
CA LEU B 125 12.01 5.23 25.43
C LEU B 125 10.87 5.60 26.38
N PHE B 126 10.77 4.90 27.51
CA PHE B 126 9.76 5.21 28.50
C PHE B 126 10.00 6.59 29.12
N LYS B 127 11.26 6.97 29.28
CA LYS B 127 11.60 8.27 29.86
C LYS B 127 11.16 9.41 28.91
N LEU B 128 11.18 9.14 27.61
CA LEU B 128 10.72 10.13 26.64
C LEU B 128 9.24 10.48 26.85
N VAL B 129 8.44 9.48 27.23
CA VAL B 129 7.03 9.69 27.54
C VAL B 129 6.88 10.70 28.69
N GLU B 130 7.72 10.54 29.70
CA GLU B 130 7.71 11.44 30.84
C GLU B 130 8.13 12.86 30.46
N GLU B 131 9.22 12.97 29.70
CA GLU B 131 9.83 14.27 29.42
C GLU B 131 9.00 15.10 28.45
N ARG B 132 8.12 14.45 27.69
CA ARG B 132 7.27 15.16 26.75
C ARG B 132 5.85 15.36 27.27
N GLY B 133 5.59 14.94 28.51
CA GLY B 133 4.32 15.20 29.18
C GLY B 133 3.15 14.49 28.53
N ILE B 134 3.40 13.29 28.03
CA ILE B 134 2.40 12.55 27.24
C ILE B 134 1.22 12.09 28.09
N ARG B 135 1.48 11.63 29.31
CA ARG B 135 0.39 11.15 30.17
C ARG B 135 -0.58 12.28 30.53
N ALA B 136 -0.08 13.50 30.72
CA ALA B 136 -0.96 14.61 31.02
C ALA B 136 -1.76 15.01 29.77
N PHE B 137 -1.11 14.95 28.61
CA PHE B 137 -1.81 15.22 27.35
C PHE B 137 -2.96 14.24 27.15
N MET B 138 -2.71 12.97 27.45
CA MET B 138 -3.74 11.94 27.32
C MET B 138 -4.93 12.26 28.21
N ARG B 139 -4.65 12.69 29.44
CA ARG B 139 -5.72 13.02 30.38
C ARG B 139 -6.52 14.23 29.88
N ALA B 140 -5.83 15.23 29.35
CA ALA B 140 -6.49 16.41 28.79
C ALA B 140 -7.40 16.02 27.62
N LEU B 141 -6.91 15.16 26.74
CA LEU B 141 -7.70 14.77 25.57
C LEU B 141 -8.95 13.99 26.00
N PHE B 142 -8.76 13.01 26.89
CA PHE B 142 -9.90 12.21 27.41
C PHE B 142 -10.94 13.06 28.15
N ALA B 143 -10.51 14.17 28.74
CA ALA B 143 -11.43 15.01 29.50
C ALA B 143 -12.19 16.02 28.63
N GLY B 144 -11.92 16.02 27.33
CA GLY B 144 -12.62 16.91 26.40
C GLY B 144 -11.99 18.28 26.22
N GLU B 145 -10.77 18.49 26.72
CA GLU B 145 -10.08 19.76 26.46
C GLU B 145 -9.88 19.91 24.96
N LYS B 146 -9.80 21.16 24.51
CA LYS B 146 -9.77 21.43 23.07
C LYS B 146 -8.35 21.30 22.53
N VAL B 147 -7.85 20.07 22.53
CA VAL B 147 -6.47 19.81 22.14
C VAL B 147 -6.24 19.92 20.63
N ASN B 148 -7.30 19.83 19.82
CA ASN B 148 -7.21 20.17 18.41
C ASN B 148 -7.19 21.70 18.32
N THR B 149 -6.04 22.29 18.60
CA THR B 149 -5.96 23.74 18.71
C THR B 149 -6.17 24.47 17.38
N ALA B 150 -5.72 23.87 16.28
CA ALA B 150 -5.85 24.53 14.97
C ALA B 150 -7.32 24.80 14.62
N GLU B 151 -8.20 23.86 14.99
CA GLU B 151 -9.62 24.03 14.70
C GLU B 151 -10.42 24.37 15.96
N ASN B 152 -9.70 24.60 17.06
CA ASN B 152 -10.30 24.86 18.37
C ASN B 152 -11.41 23.87 18.72
N ARG B 153 -11.06 22.58 18.70
CA ARG B 153 -12.04 21.52 18.89
C ARG B 153 -11.55 20.52 19.91
N SER B 154 -12.50 19.86 20.58
CA SER B 154 -12.20 18.69 21.38
C SER B 154 -11.94 17.50 20.47
N VAL B 155 -11.41 16.44 21.05
CA VAL B 155 -11.10 15.21 20.32
C VAL B 155 -11.67 14.04 21.11
N LEU B 156 -12.86 13.62 20.76
CA LEU B 156 -13.60 12.73 21.67
C LEU B 156 -14.26 11.53 21.02
N HIS B 157 -13.56 10.87 20.09
CA HIS B 157 -14.04 9.59 19.62
C HIS B 157 -14.20 8.61 20.80
N ILE B 158 -13.45 8.82 21.89
CA ILE B 158 -13.57 7.89 23.01
C ILE B 158 -14.94 8.01 23.70
N ALA B 159 -15.59 9.16 23.56
CA ALA B 159 -16.92 9.34 24.11
C ALA B 159 -17.94 8.46 23.40
N LEU B 160 -17.71 8.21 22.11
CA LEU B 160 -18.64 7.44 21.29
C LEU B 160 -18.82 6.02 21.80
N ARG B 161 -17.78 5.50 22.45
CA ARG B 161 -17.80 4.13 22.96
C ARG B 161 -17.70 4.09 24.48
N ASN B 162 -18.01 5.21 25.12
CA ASN B 162 -17.93 5.30 26.58
C ASN B 162 -19.07 4.55 27.26
N ARG B 163 -18.91 3.24 27.40
CA ARG B 163 -19.97 2.39 27.97
C ARG B 163 -20.24 2.72 29.45
N SER B 164 -19.27 3.29 30.14
CA SER B 164 -19.44 3.64 31.56
C SER B 164 -20.43 4.79 31.75
N ASN B 165 -20.61 5.57 30.69
CA ASN B 165 -21.46 6.78 30.70
C ASN B 165 -21.09 7.85 31.72
N ARG B 166 -19.87 7.80 32.24
CA ARG B 166 -19.37 8.91 33.05
C ARG B 166 -19.41 10.16 32.17
N PRO B 167 -19.79 11.31 32.75
CA PRO B 167 -19.94 12.52 31.93
C PRO B 167 -18.64 12.98 31.28
N ILE B 168 -18.75 13.44 30.04
CA ILE B 168 -17.63 14.08 29.35
C ILE B 168 -18.13 15.40 28.81
N PHE B 169 -17.49 16.50 29.19
CA PHE B 169 -18.06 17.82 28.94
C PHE B 169 -17.43 18.53 27.75
N VAL B 170 -18.29 19.05 26.88
CA VAL B 170 -17.89 19.93 25.78
C VAL B 170 -18.76 21.18 25.86
N ASN B 171 -18.10 22.34 25.90
CA ASN B 171 -18.78 23.62 26.05
C ASN B 171 -19.70 23.66 27.27
N GLY B 172 -19.27 22.99 28.35
CA GLY B 172 -20.02 22.98 29.58
C GLY B 172 -21.13 21.95 29.67
N HIS B 173 -21.33 21.18 28.60
CA HIS B 173 -22.41 20.20 28.56
C HIS B 173 -21.92 18.78 28.32
N ASP B 174 -22.53 17.83 29.03
CA ASP B 174 -22.20 16.41 28.89
C ASP B 174 -22.62 15.92 27.52
N VAL B 175 -21.71 15.28 26.79
CA VAL B 175 -22.03 14.82 25.43
C VAL B 175 -22.66 13.43 25.44
N MET B 176 -22.60 12.74 26.58
CA MET B 176 -23.03 11.35 26.61
C MET B 176 -24.52 11.14 26.31
N PRO B 177 -25.42 12.02 26.83
CA PRO B 177 -26.83 11.83 26.47
C PRO B 177 -27.10 11.82 24.97
N LEU B 178 -26.39 12.64 24.21
CA LEU B 178 -26.65 12.71 22.77
C LEU B 178 -25.97 11.55 22.03
N VAL B 179 -24.81 11.13 22.53
CA VAL B 179 -24.17 9.92 22.02
C VAL B 179 -25.11 8.72 22.13
N ASN B 180 -25.75 8.59 23.29
CA ASN B 180 -26.63 7.45 23.55
C ASN B 180 -27.97 7.56 22.81
N LYS B 181 -28.43 8.78 22.58
CA LYS B 181 -29.66 8.99 21.83
C LYS B 181 -29.49 8.54 20.39
N VAL B 182 -28.35 8.83 19.80
CA VAL B 182 -28.12 8.47 18.40
C VAL B 182 -27.90 6.96 18.29
N LEU B 183 -27.22 6.36 19.26
CA LEU B 183 -27.07 4.90 19.27
C LEU B 183 -28.45 4.21 19.29
N GLU B 184 -29.38 4.76 20.07
CA GLU B 184 -30.74 4.21 20.15
C GLU B 184 -31.51 4.40 18.84
N GLN B 185 -31.30 5.55 18.20
CA GLN B 185 -31.88 5.82 16.89
C GLN B 185 -31.36 4.82 15.85
N MET B 186 -30.06 4.56 15.89
CA MET B 186 -29.42 3.57 15.02
C MET B 186 -29.98 2.19 15.26
N LYS B 187 -30.15 1.83 16.53
CA LYS B 187 -30.74 0.56 16.91
C LYS B 187 -32.10 0.35 16.28
N LYS B 188 -32.96 1.37 16.38
CA LYS B 188 -34.32 1.22 15.88
C LYS B 188 -34.34 1.03 14.36
N LEU B 189 -33.54 1.80 13.63
CA LEU B 189 -33.52 1.64 12.18
C LEU B 189 -32.94 0.28 11.79
N SER B 190 -31.83 -0.12 12.41
CA SER B 190 -31.19 -1.38 12.05
CA SER B 190 -31.17 -1.38 12.10
C SER B 190 -32.13 -2.54 12.34
N GLU B 191 -32.84 -2.47 13.45
CA GLU B 191 -33.80 -3.52 13.78
C GLU B 191 -34.92 -3.62 12.75
N LYS B 192 -35.50 -2.48 12.38
CA LYS B 192 -36.56 -2.46 11.38
C LYS B 192 -36.10 -3.06 10.06
N VAL B 193 -34.88 -2.73 9.66
CA VAL B 193 -34.34 -3.23 8.39
C VAL B 193 -34.09 -4.74 8.51
N ARG B 194 -33.42 -5.17 9.58
CA ARG B 194 -33.07 -6.57 9.73
C ARG B 194 -34.30 -7.48 9.89
N ARG B 195 -35.38 -6.94 10.45
CA ARG B 195 -36.59 -7.73 10.67
C ARG B 195 -37.56 -7.66 9.49
N GLY B 196 -37.17 -6.94 8.45
CA GLY B 196 -38.01 -6.82 7.26
C GLY B 196 -39.19 -5.88 7.42
N GLU B 197 -39.15 -5.00 8.42
CA GLU B 197 -40.26 -4.08 8.68
C GLU B 197 -40.12 -2.79 7.86
N TRP B 198 -38.89 -2.41 7.53
CA TRP B 198 -38.64 -1.27 6.68
C TRP B 198 -38.93 -1.62 5.23
N LYS B 199 -39.95 -1.01 4.65
CA LYS B 199 -40.37 -1.35 3.29
C LYS B 199 -40.01 -0.25 2.29
N GLY B 200 -39.68 -0.67 1.06
CA GLY B 200 -39.45 0.25 -0.03
C GLY B 200 -40.75 0.83 -0.57
N GLN B 201 -40.64 1.66 -1.60
CA GLN B 201 -41.78 2.40 -2.14
C GLN B 201 -42.82 1.46 -2.77
N SER B 202 -42.41 0.25 -3.13
CA SER B 202 -43.35 -0.70 -3.70
C SER B 202 -43.64 -1.84 -2.74
N GLY B 203 -43.23 -1.67 -1.48
CA GLY B 203 -43.59 -2.60 -0.43
C GLY B 203 -42.59 -3.72 -0.15
N LYS B 204 -41.46 -3.69 -0.83
CA LYS B 204 -40.43 -4.72 -0.64
C LYS B 204 -39.58 -4.45 0.61
N PRO B 205 -39.29 -5.50 1.38
CA PRO B 205 -38.30 -5.37 2.47
C PRO B 205 -36.91 -5.09 1.91
N ILE B 206 -36.08 -4.37 2.67
CA ILE B 206 -34.75 -4.01 2.22
C ILE B 206 -33.82 -5.23 2.15
N ARG B 207 -33.15 -5.39 1.01
CA ARG B 207 -32.20 -6.49 0.83
C ARG B 207 -30.83 -5.96 0.44
N HIS B 208 -30.76 -4.67 0.14
CA HIS B 208 -29.49 -4.02 -0.23
C HIS B 208 -29.32 -2.71 0.51
N VAL B 209 -28.10 -2.47 0.99
CA VAL B 209 -27.76 -1.19 1.61
C VAL B 209 -26.59 -0.60 0.84
N VAL B 210 -26.76 0.63 0.37
CA VAL B 210 -25.70 1.29 -0.36
C VAL B 210 -25.23 2.52 0.39
N ASN B 211 -24.05 2.40 0.98
CA ASN B 211 -23.40 3.53 1.64
C ASN B 211 -22.72 4.39 0.59
N ILE B 212 -22.94 5.70 0.66
CA ILE B 212 -22.28 6.65 -0.23
C ILE B 212 -21.50 7.64 0.63
N GLY B 213 -20.18 7.66 0.47
CA GLY B 213 -19.32 8.51 1.29
C GLY B 213 -17.88 8.28 0.90
N ILE B 214 -16.95 9.09 1.40
CA ILE B 214 -15.55 8.97 0.97
C ILE B 214 -14.65 9.18 2.17
N GLY B 215 -13.45 8.58 2.14
CA GLY B 215 -12.51 8.78 3.23
C GLY B 215 -13.03 8.23 4.54
N GLY B 216 -13.12 9.10 5.55
CA GLY B 216 -13.58 8.69 6.87
C GLY B 216 -15.02 8.20 6.87
N SER B 217 -15.76 8.57 5.83
CA SER B 217 -17.17 8.19 5.73
C SER B 217 -17.34 6.94 4.87
N ASP B 218 -16.22 6.31 4.53
CA ASP B 218 -16.23 5.10 3.70
C ASP B 218 -15.33 3.98 4.25
N LEU B 219 -14.06 4.28 4.51
CA LEU B 219 -13.09 3.24 4.85
C LEU B 219 -13.48 2.40 6.07
N GLY B 220 -13.86 3.06 7.16
CA GLY B 220 -14.30 2.37 8.38
C GLY B 220 -15.49 1.44 8.22
N PRO B 221 -16.63 1.96 7.77
CA PRO B 221 -17.81 1.11 7.52
C PRO B 221 -17.48 -0.08 6.62
N MET B 222 -16.74 0.14 5.53
CA MET B 222 -16.44 -0.98 4.65
C MET B 222 -15.48 -1.97 5.30
N MET B 223 -14.42 -1.46 5.92
CA MET B 223 -13.45 -2.36 6.56
C MET B 223 -14.13 -3.22 7.63
N ALA B 224 -15.02 -2.61 8.40
CA ALA B 224 -15.66 -3.33 9.50
C ALA B 224 -16.69 -4.34 8.98
N CYS B 225 -17.45 -3.97 7.95
CA CYS B 225 -18.38 -4.94 7.35
C CYS B 225 -17.64 -6.15 6.78
N GLU B 226 -16.47 -5.90 6.18
CA GLU B 226 -15.66 -7.01 5.65
C GLU B 226 -15.11 -7.86 6.78
N ALA B 227 -14.57 -7.20 7.79
CA ALA B 227 -13.93 -7.89 8.92
C ALA B 227 -14.89 -8.77 9.69
N LEU B 228 -16.15 -8.33 9.78
CA LEU B 228 -17.11 -8.99 10.66
C LEU B 228 -18.22 -9.71 9.91
N ARG B 229 -17.93 -10.03 8.65
CA ARG B 229 -18.87 -10.82 7.84
C ARG B 229 -19.39 -12.12 8.53
N PRO B 230 -18.56 -12.85 9.32
CA PRO B 230 -19.17 -14.04 9.95
C PRO B 230 -20.29 -13.70 10.93
N PHE B 231 -20.38 -12.45 11.35
CA PHE B 231 -21.35 -12.04 12.37
C PHE B 231 -22.52 -11.28 11.75
N SER B 232 -22.62 -11.36 10.43
CA SER B 232 -23.54 -10.52 9.68
C SER B 232 -24.80 -11.28 9.25
N ASP B 233 -25.82 -10.52 8.86
CA ASP B 233 -27.03 -11.05 8.25
C ASP B 233 -26.81 -11.12 6.74
N ARG B 234 -26.60 -12.33 6.22
CA ARG B 234 -26.25 -12.52 4.81
C ARG B 234 -27.38 -12.15 3.85
N ARG B 235 -28.58 -11.96 4.37
CA ARG B 235 -29.72 -11.59 3.53
C ARG B 235 -29.64 -10.13 3.09
N ILE B 236 -28.80 -9.35 3.77
CA ILE B 236 -28.63 -7.94 3.42
C ILE B 236 -27.27 -7.68 2.81
N SER B 237 -27.28 -7.38 1.51
CA SER B 237 -26.06 -7.09 0.75
C SER B 237 -25.57 -5.69 1.04
N MET B 238 -24.30 -5.56 1.39
CA MET B 238 -23.71 -4.27 1.69
C MET B 238 -22.86 -3.78 0.52
N HIS B 239 -23.06 -2.52 0.13
CA HIS B 239 -22.30 -1.91 -0.95
C HIS B 239 -21.75 -0.55 -0.50
N PHE B 240 -20.60 -0.18 -1.04
CA PHE B 240 -19.93 1.05 -0.63
C PHE B 240 -19.47 1.84 -1.85
N VAL B 241 -20.25 2.85 -2.22
CA VAL B 241 -19.89 3.77 -3.29
C VAL B 241 -19.05 4.92 -2.73
N SER B 242 -17.92 5.22 -3.35
CA SER B 242 -17.07 6.24 -2.79
C SER B 242 -16.37 7.10 -3.84
N ASN B 243 -15.77 6.47 -4.84
CA ASN B 243 -15.12 7.22 -5.91
C ASN B 243 -16.12 8.09 -6.66
N ILE B 244 -15.72 9.30 -7.05
CA ILE B 244 -16.56 10.12 -7.93
C ILE B 244 -16.56 9.53 -9.34
N ASP B 245 -15.50 8.79 -9.68
CA ASP B 245 -15.44 8.04 -10.93
C ASP B 245 -16.79 7.37 -11.17
N GLY B 246 -17.46 7.76 -12.25
CA GLY B 246 -18.82 7.31 -12.52
C GLY B 246 -18.98 5.80 -12.58
N THR B 247 -17.88 5.12 -12.88
CA THR B 247 -17.83 3.67 -12.81
C THR B 247 -18.33 3.12 -11.47
N HIS B 248 -17.96 3.76 -10.36
CA HIS B 248 -18.29 3.20 -9.04
C HIS B 248 -19.79 3.14 -8.78
N LEU B 249 -20.50 4.26 -8.93
CA LEU B 249 -21.94 4.25 -8.74
C LEU B 249 -22.62 3.37 -9.79
N SER B 250 -22.16 3.44 -11.03
CA SER B 250 -22.78 2.70 -12.13
C SER B 250 -22.70 1.20 -11.89
N GLU B 251 -21.56 0.72 -11.39
CA GLU B 251 -21.41 -0.73 -11.20
C GLU B 251 -22.21 -1.21 -10.00
N VAL B 252 -22.26 -0.41 -8.94
CA VAL B 252 -23.07 -0.76 -7.78
C VAL B 252 -24.57 -0.75 -8.09
N LEU B 253 -25.04 0.27 -8.81
CA LEU B 253 -26.45 0.31 -9.20
C LEU B 253 -26.84 -0.95 -10.00
N ASN B 254 -25.87 -1.50 -10.72
CA ASN B 254 -26.12 -2.69 -11.52
C ASN B 254 -26.30 -3.94 -10.65
N LEU B 255 -25.83 -3.88 -9.42
CA LEU B 255 -25.87 -5.04 -8.54
C LEU B 255 -27.09 -5.10 -7.64
N VAL B 256 -27.85 -4.02 -7.55
CA VAL B 256 -28.92 -3.96 -6.56
C VAL B 256 -30.29 -3.94 -7.22
N ASP B 257 -31.29 -4.39 -6.48
CA ASP B 257 -32.69 -4.15 -6.84
C ASP B 257 -33.10 -2.87 -6.13
N LEU B 258 -33.28 -1.80 -6.90
CA LEU B 258 -33.49 -0.49 -6.31
C LEU B 258 -34.76 -0.41 -5.47
N GLU B 259 -35.76 -1.25 -5.79
CA GLU B 259 -36.99 -1.28 -4.99
C GLU B 259 -36.76 -1.78 -3.57
N SER B 260 -35.64 -2.49 -3.36
CA SER B 260 -35.33 -3.00 -2.03
C SER B 260 -33.97 -2.49 -1.55
N THR B 261 -33.58 -1.31 -2.03
CA THR B 261 -32.31 -0.70 -1.64
C THR B 261 -32.48 0.49 -0.70
N LEU B 262 -31.72 0.49 0.38
CA LEU B 262 -31.61 1.64 1.26
C LEU B 262 -30.30 2.37 1.00
N PHE B 263 -30.36 3.64 0.63
CA PHE B 263 -29.16 4.45 0.46
C PHE B 263 -28.84 5.19 1.76
N ILE B 264 -27.57 5.14 2.15
CA ILE B 264 -27.08 5.87 3.31
C ILE B 264 -26.07 6.90 2.82
N ILE B 265 -26.40 8.18 2.95
CA ILE B 265 -25.47 9.22 2.54
C ILE B 265 -24.62 9.65 3.73
N ALA B 266 -23.35 9.28 3.69
CA ALA B 266 -22.44 9.48 4.83
C ALA B 266 -21.46 10.62 4.57
N SER B 267 -21.66 11.73 5.28
CA SER B 267 -20.77 12.89 5.13
C SER B 267 -20.82 13.83 6.34
N LYS B 268 -19.70 13.95 7.04
CA LYS B 268 -19.64 14.84 8.20
C LYS B 268 -20.06 16.26 7.82
N THR B 269 -19.47 16.78 6.74
CA THR B 269 -19.78 18.12 6.26
C THR B 269 -21.07 18.20 5.44
N PHE B 270 -21.37 17.09 4.77
CA PHE B 270 -22.42 17.03 3.75
C PHE B 270 -22.20 18.05 2.64
N THR B 271 -20.94 18.35 2.35
CA THR B 271 -20.59 19.22 1.22
C THR B 271 -19.46 18.68 0.35
N THR B 272 -18.87 17.55 0.74
CA THR B 272 -17.80 16.97 -0.05
C THR B 272 -18.25 16.68 -1.47
N GLN B 273 -17.51 17.18 -2.46
CA GLN B 273 -18.02 17.17 -3.84
C GLN B 273 -18.31 15.75 -4.31
N GLU B 274 -17.40 14.81 -4.04
CA GLU B 274 -17.58 13.44 -4.53
C GLU B 274 -18.85 12.82 -3.98
N THR B 275 -19.05 12.97 -2.68
CA THR B 275 -20.16 12.31 -2.00
C THR B 275 -21.51 12.94 -2.37
N ILE B 276 -21.56 14.26 -2.43
CA ILE B 276 -22.82 14.93 -2.73
CA ILE B 276 -22.81 14.93 -2.73
C ILE B 276 -23.19 14.70 -4.19
N THR B 277 -22.19 14.67 -5.07
CA THR B 277 -22.46 14.43 -6.48
C THR B 277 -22.91 12.97 -6.66
N ASN B 278 -22.28 12.03 -5.98
CA ASN B 278 -22.74 10.64 -6.04
C ASN B 278 -24.16 10.50 -5.48
N ALA B 279 -24.45 11.22 -4.41
CA ALA B 279 -25.76 11.13 -3.76
C ALA B 279 -26.86 11.68 -4.69
N LEU B 280 -26.58 12.82 -5.32
CA LEU B 280 -27.56 13.40 -6.23
C LEU B 280 -27.75 12.51 -7.45
N SER B 281 -26.69 11.89 -7.93
CA SER B 281 -26.80 10.99 -9.08
C SER B 281 -27.61 9.74 -8.71
N ALA B 282 -27.35 9.20 -7.52
CA ALA B 282 -28.10 8.04 -7.03
C ALA B 282 -29.58 8.36 -6.91
N ARG B 283 -29.90 9.53 -6.36
CA ARG B 283 -31.29 9.96 -6.24
C ARG B 283 -31.93 10.11 -7.63
N ASN B 284 -31.22 10.72 -8.56
CA ASN B 284 -31.74 10.90 -9.92
C ASN B 284 -31.98 9.56 -10.60
N GLU B 285 -31.03 8.65 -10.47
CA GLU B 285 -31.16 7.34 -11.10
C GLU B 285 -32.27 6.54 -10.43
N PHE B 286 -32.40 6.69 -9.12
CA PHE B 286 -33.43 5.97 -8.37
C PHE B 286 -34.83 6.42 -8.80
N LEU B 287 -35.05 7.73 -8.84
CA LEU B 287 -36.36 8.24 -9.22
C LEU B 287 -36.71 7.89 -10.68
N LYS B 288 -35.71 7.91 -11.57
CA LYS B 288 -35.94 7.57 -12.97
C LYS B 288 -36.35 6.11 -13.13
N PHE B 289 -35.74 5.24 -12.33
CA PHE B 289 -36.10 3.83 -12.32
C PHE B 289 -37.55 3.63 -11.88
N LEU B 290 -37.93 4.34 -10.81
CA LEU B 290 -39.30 4.22 -10.32
C LEU B 290 -40.29 4.65 -11.39
N SER B 291 -40.00 5.78 -12.02
CA SER B 291 -40.86 6.32 -13.07
C SER B 291 -40.99 5.35 -14.24
N SER B 292 -39.90 4.67 -14.58
CA SER B 292 -39.91 3.70 -15.67
C SER B 292 -40.74 2.48 -15.33
N ARG B 293 -40.97 2.26 -14.04
CA ARG B 293 -41.74 1.11 -13.58
C ARG B 293 -43.18 1.48 -13.24
N GLY B 294 -43.56 2.73 -13.53
CA GLY B 294 -44.88 3.21 -13.21
C GLY B 294 -45.13 3.26 -11.71
N ILE B 295 -44.05 3.39 -10.93
CA ILE B 295 -44.15 3.51 -9.49
C ILE B 295 -44.07 4.99 -9.07
N SER B 296 -45.02 5.41 -8.23
CA SER B 296 -45.09 6.80 -7.79
C SER B 296 -43.83 7.26 -7.06
N GLU B 297 -43.40 8.49 -7.32
CA GLU B 297 -42.22 9.04 -6.64
C GLU B 297 -42.55 9.68 -5.31
N ALA B 298 -43.85 9.90 -5.07
CA ALA B 298 -44.31 10.62 -3.89
C ALA B 298 -43.95 9.92 -2.59
N GLY B 299 -43.00 10.50 -1.85
CA GLY B 299 -42.60 9.93 -0.58
C GLY B 299 -41.51 8.86 -0.70
N ALA B 300 -41.01 8.65 -1.91
CA ALA B 300 -40.04 7.56 -2.14
C ALA B 300 -38.67 7.84 -1.51
N VAL B 301 -38.16 9.05 -1.73
CA VAL B 301 -36.85 9.42 -1.18
C VAL B 301 -36.82 9.23 0.34
N ALA B 302 -37.89 9.61 1.02
CA ALA B 302 -37.96 9.45 2.47
C ALA B 302 -37.89 7.99 2.92
N LYS B 303 -38.31 7.08 2.05
CA LYS B 303 -38.27 5.65 2.37
C LYS B 303 -36.94 5.01 1.98
N HIS B 304 -36.19 5.66 1.10
CA HIS B 304 -35.01 5.00 0.53
C HIS B 304 -33.69 5.71 0.81
N PHE B 305 -33.73 6.89 1.43
CA PHE B 305 -32.50 7.63 1.71
C PHE B 305 -32.41 8.09 3.15
N VAL B 306 -31.28 7.81 3.80
CA VAL B 306 -31.00 8.38 5.12
C VAL B 306 -29.63 9.04 5.08
N ALA B 307 -29.33 9.86 6.09
CA ALA B 307 -28.08 10.61 6.11
C ALA B 307 -27.36 10.52 7.46
N LEU B 308 -26.04 10.51 7.40
CA LEU B 308 -25.18 10.53 8.57
C LEU B 308 -24.32 11.77 8.48
N SER B 309 -24.50 12.72 9.39
CA SER B 309 -23.87 14.02 9.20
C SER B 309 -23.84 14.87 10.47
N THR B 310 -23.08 15.96 10.43
CA THR B 310 -23.19 16.99 11.45
C THR B 310 -24.11 18.13 10.99
N ASN B 311 -24.41 18.19 9.70
CA ASN B 311 -25.10 19.37 9.13
C ASN B 311 -26.55 19.10 8.76
N ALA B 312 -27.47 19.43 9.67
CA ALA B 312 -28.89 19.19 9.44
C ALA B 312 -29.43 20.04 8.29
N GLU B 313 -28.92 21.26 8.15
CA GLU B 313 -29.42 22.18 7.12
C GLU B 313 -29.16 21.63 5.72
N LYS B 314 -27.95 21.13 5.48
CA LYS B 314 -27.60 20.57 4.18
C LYS B 314 -28.35 19.27 3.89
N VAL B 315 -28.57 18.45 4.91
CA VAL B 315 -29.35 17.22 4.76
C VAL B 315 -30.79 17.54 4.34
N LYS B 316 -31.34 18.60 4.93
CA LYS B 316 -32.72 19.00 4.62
C LYS B 316 -32.86 19.39 3.15
N GLU B 317 -31.92 20.20 2.67
CA GLU B 317 -31.90 20.61 1.26
C GLU B 317 -31.93 19.44 0.29
N PHE B 318 -31.28 18.33 0.66
CA PHE B 318 -31.19 17.17 -0.19
C PHE B 318 -32.54 16.44 -0.29
N GLY B 319 -33.40 16.63 0.71
CA GLY B 319 -34.72 16.05 0.68
C GLY B 319 -34.89 14.90 1.64
N ILE B 320 -33.93 14.77 2.57
CA ILE B 320 -34.03 13.73 3.58
C ILE B 320 -34.69 14.29 4.84
N ASP B 321 -35.65 13.56 5.37
CA ASP B 321 -36.33 13.94 6.61
C ASP B 321 -35.34 13.98 7.79
N GLU B 322 -35.47 15.00 8.63
CA GLU B 322 -34.61 15.15 9.80
C GLU B 322 -34.69 13.92 10.70
N GLU B 323 -35.85 13.27 10.69
CA GLU B 323 -36.05 12.01 11.38
C GLU B 323 -35.10 10.91 10.88
N ASN B 324 -34.72 11.01 9.62
CA ASN B 324 -33.77 10.06 9.02
C ASN B 324 -32.35 10.62 8.95
N MET B 325 -32.08 11.65 9.74
CA MET B 325 -30.72 12.16 9.87
C MET B 325 -30.11 11.64 11.15
N PHE B 326 -28.93 11.06 11.03
CA PHE B 326 -28.21 10.51 12.16
C PHE B 326 -27.04 11.44 12.47
N GLN B 327 -27.11 12.08 13.62
CA GLN B 327 -26.21 13.16 13.97
C GLN B 327 -24.89 12.65 14.56
N PHE B 328 -23.78 13.26 14.19
CA PHE B 328 -22.59 13.21 15.04
C PHE B 328 -22.01 14.62 15.15
N TRP B 329 -20.78 14.75 15.65
CA TRP B 329 -20.36 16.06 16.17
C TRP B 329 -18.96 16.45 15.70
N ASP B 330 -18.65 17.75 15.80
CA ASP B 330 -17.37 18.28 15.32
CA ASP B 330 -17.38 18.21 15.25
C ASP B 330 -16.17 17.55 15.93
N TRP B 331 -16.34 17.09 17.17
CA TRP B 331 -15.23 16.46 17.87
C TRP B 331 -15.03 14.99 17.52
N VAL B 332 -15.80 14.51 16.54
CA VAL B 332 -15.59 13.20 15.93
C VAL B 332 -14.83 13.36 14.61
N GLY B 333 -13.53 13.07 14.61
CA GLY B 333 -12.75 13.08 13.38
C GLY B 333 -13.24 12.02 12.41
N GLY B 334 -13.31 12.36 11.12
CA GLY B 334 -13.74 11.42 10.09
C GLY B 334 -13.04 10.06 10.16
N ARG B 335 -11.71 10.09 10.27
CA ARG B 335 -10.93 8.85 10.38
C ARG B 335 -11.04 8.21 11.78
N TYR B 336 -11.86 8.81 12.64
CA TYR B 336 -12.17 8.26 13.96
C TYR B 336 -13.69 8.08 14.10
N SER B 337 -14.41 7.95 12.99
CA SER B 337 -15.87 8.09 13.07
C SER B 337 -16.65 6.78 12.96
N LEU B 338 -15.95 5.66 12.73
CA LEU B 338 -16.56 4.33 12.71
C LEU B 338 -17.56 4.12 13.85
N TRP B 339 -17.19 4.62 15.03
CA TRP B 339 -17.93 4.36 16.27
C TRP B 339 -19.23 5.15 16.39
N SER B 340 -19.40 6.14 15.51
CA SER B 340 -20.52 7.07 15.58
C SER B 340 -21.63 6.64 14.64
N ALA B 341 -22.55 7.56 14.36
CA ALA B 341 -23.57 7.38 13.33
C ALA B 341 -23.01 6.82 12.01
N ILE B 342 -21.75 7.15 11.69
CA ILE B 342 -21.10 6.70 10.46
C ILE B 342 -21.09 5.17 10.37
N GLY B 343 -21.12 4.51 11.52
CA GLY B 343 -21.16 3.06 11.58
C GLY B 343 -22.53 2.44 11.34
N LEU B 344 -23.49 3.22 10.86
CA LEU B 344 -24.85 2.69 10.70
C LEU B 344 -24.90 1.47 9.78
N SER B 345 -24.18 1.50 8.67
CA SER B 345 -24.16 0.38 7.73
C SER B 345 -23.65 -0.87 8.45
N VAL B 346 -22.67 -0.68 9.32
CA VAL B 346 -22.13 -1.78 10.11
C VAL B 346 -23.18 -2.36 11.04
N MET B 347 -23.93 -1.50 11.74
CA MET B 347 -24.95 -1.97 12.66
C MET B 347 -26.09 -2.70 11.93
N ILE B 348 -26.40 -2.26 10.72
CA ILE B 348 -27.40 -2.96 9.93
C ILE B 348 -26.88 -4.37 9.61
N SER B 349 -25.61 -4.43 9.22
CA SER B 349 -25.03 -5.70 8.81
C SER B 349 -24.89 -6.70 9.96
N ILE B 350 -24.33 -6.26 11.08
CA ILE B 350 -24.04 -7.21 12.17
C ILE B 350 -24.99 -7.11 13.35
N GLY B 351 -25.84 -6.09 13.37
CA GLY B 351 -26.83 -6.01 14.43
C GLY B 351 -26.37 -5.15 15.60
N TYR B 352 -27.34 -4.62 16.35
CA TYR B 352 -27.06 -3.74 17.48
C TYR B 352 -26.15 -4.40 18.52
N ASP B 353 -26.49 -5.63 18.93
CA ASP B 353 -25.71 -6.30 19.96
C ASP B 353 -24.25 -6.45 19.56
N ASN B 354 -24.00 -6.80 18.31
CA ASN B 354 -22.63 -6.91 17.83
C ASN B 354 -21.94 -5.54 17.70
N PHE B 355 -22.70 -4.49 17.36
CA PHE B 355 -22.11 -3.17 17.31
C PHE B 355 -21.67 -2.73 18.72
N VAL B 356 -22.49 -3.04 19.71
CA VAL B 356 -22.16 -2.73 21.10
C VAL B 356 -20.89 -3.49 21.54
N GLU B 357 -20.74 -4.72 21.07
CA GLU B 357 -19.52 -5.48 21.30
C GLU B 357 -18.33 -4.74 20.71
N LEU B 358 -18.50 -4.23 19.49
CA LEU B 358 -17.46 -3.43 18.82
C LEU B 358 -17.07 -2.21 19.65
N LEU B 359 -18.07 -1.44 20.10
CA LEU B 359 -17.82 -0.32 20.99
C LEU B 359 -17.13 -0.75 22.29
N THR B 360 -17.56 -1.88 22.83
CA THR B 360 -17.08 -2.32 24.14
C THR B 360 -15.61 -2.68 24.08
N GLY B 361 -15.21 -3.33 22.98
CA GLY B 361 -13.82 -3.67 22.75
C GLY B 361 -12.94 -2.42 22.72
N ALA B 362 -13.41 -1.39 22.02
CA ALA B 362 -12.68 -0.13 22.00
C ALA B 362 -12.62 0.49 23.39
N HIS B 363 -13.72 0.42 24.12
CA HIS B 363 -13.82 1.02 25.46
C HIS B 363 -12.83 0.38 26.42
N ILE B 364 -12.67 -0.93 26.29
CA ILE B 364 -11.79 -1.66 27.19
C ILE B 364 -10.34 -1.30 26.88
N MET B 365 -10.02 -1.16 25.60
CA MET B 365 -8.70 -0.67 25.21
C MET B 365 -8.49 0.79 25.66
N ASP B 366 -9.52 1.64 25.57
CA ASP B 366 -9.42 3.01 26.11
C ASP B 366 -9.05 3.00 27.61
N GLU B 367 -9.72 2.14 28.38
CA GLU B 367 -9.50 2.11 29.82
C GLU B 367 -8.09 1.64 30.13
N HIS B 368 -7.61 0.67 29.37
CA HIS B 368 -6.23 0.21 29.53
C HIS B 368 -5.25 1.33 29.20
N PHE B 369 -5.48 1.99 28.07
CA PHE B 369 -4.59 3.07 27.62
C PHE B 369 -4.47 4.20 28.63
N ILE B 370 -5.60 4.64 29.17
CA ILE B 370 -5.57 5.81 30.02
C ILE B 370 -5.04 5.45 31.42
N ASN B 371 -5.30 4.23 31.88
CA ASN B 371 -4.95 3.86 33.25
C ASN B 371 -3.66 3.07 33.44
N ALA B 372 -3.23 2.31 32.45
CA ALA B 372 -2.06 1.44 32.67
C ALA B 372 -0.79 2.26 32.80
N PRO B 373 0.08 1.87 33.75
CA PRO B 373 1.36 2.60 33.82
C PRO B 373 2.11 2.45 32.51
N THR B 374 2.88 3.48 32.17
CA THR B 374 3.61 3.55 30.90
C THR B 374 4.35 2.26 30.52
N GLU B 375 5.05 1.68 31.50
CA GLU B 375 5.87 0.50 31.28
C GLU B 375 5.07 -0.74 30.88
N ASN B 376 3.77 -0.72 31.13
CA ASN B 376 2.90 -1.86 30.84
C ASN B 376 1.72 -1.40 29.99
N ASN B 377 1.96 -0.40 29.14
CA ASN B 377 0.88 0.24 28.38
C ASN B 377 1.04 -0.14 26.92
N LEU B 378 0.11 -0.94 26.39
CA LEU B 378 0.33 -1.55 25.07
C LEU B 378 0.37 -0.49 23.95
N PRO B 379 -0.61 0.44 23.89
CA PRO B 379 -0.48 1.41 22.78
C PRO B 379 0.75 2.33 22.89
N ILE B 380 1.15 2.67 24.10
CA ILE B 380 2.37 3.48 24.25
C ILE B 380 3.59 2.70 23.75
N ILE B 381 3.67 1.42 24.08
CA ILE B 381 4.78 0.59 23.62
C ILE B 381 4.80 0.51 22.09
N LEU B 382 3.65 0.24 21.46
CA LEU B 382 3.56 0.28 20.00
C LEU B 382 4.14 1.59 19.45
N ALA B 383 3.73 2.70 20.06
CA ALA B 383 4.19 4.01 19.60
C ALA B 383 5.70 4.17 19.73
N LEU B 384 6.27 3.68 20.82
CA LEU B 384 7.70 3.87 21.05
C LEU B 384 8.56 3.01 20.14
N VAL B 385 8.15 1.75 19.95
CA VAL B 385 8.84 0.89 18.98
C VAL B 385 8.85 1.56 17.61
N GLY B 386 7.71 2.13 17.22
CA GLY B 386 7.58 2.83 15.95
C GLY B 386 8.51 4.03 15.83
N ILE B 387 8.59 4.83 16.89
CA ILE B 387 9.49 5.98 16.93
C ILE B 387 10.96 5.58 16.83
N TRP B 388 11.34 4.50 17.53
CA TRP B 388 12.71 4.00 17.45
C TRP B 388 13.12 3.77 16.00
N TYR B 389 12.27 3.10 15.22
CA TYR B 389 12.60 2.83 13.82
C TYR B 389 12.40 4.05 12.93
N ASN B 390 11.33 4.79 13.16
CA ASN B 390 10.97 5.92 12.30
C ASN B 390 11.98 7.07 12.42
N ASN B 391 12.44 7.31 13.65
CA ASN B 391 13.22 8.51 13.94
C ASN B 391 14.70 8.27 14.17
N PHE B 392 15.08 7.05 14.53
CA PHE B 392 16.49 6.79 14.74
C PHE B 392 17.05 5.85 13.67
N PHE B 393 16.34 4.78 13.32
CA PHE B 393 16.77 3.99 12.17
C PHE B 393 16.47 4.74 10.86
N GLY B 394 15.49 5.63 10.90
CA GLY B 394 15.12 6.41 9.74
C GLY B 394 14.32 5.65 8.69
N SER B 395 13.57 4.64 9.10
CA SER B 395 12.68 3.93 8.19
CA SER B 395 12.67 3.93 8.20
C SER B 395 11.50 4.83 7.79
N GLU B 396 11.21 4.88 6.49
CA GLU B 396 10.11 5.72 6.00
C GLU B 396 8.75 5.05 6.08
N THR B 397 8.73 3.72 6.18
CA THR B 397 7.48 2.99 6.04
C THR B 397 7.10 2.17 7.27
N GLN B 398 5.85 1.71 7.26
CA GLN B 398 5.30 0.81 8.26
C GLN B 398 4.39 -0.18 7.54
N ALA B 399 4.70 -1.47 7.60
CA ALA B 399 3.86 -2.48 6.98
C ALA B 399 2.84 -3.00 7.98
N ILE B 400 1.63 -3.21 7.50
CA ILE B 400 0.54 -3.78 8.29
C ILE B 400 0.11 -5.06 7.59
N LEU B 401 0.32 -6.20 8.23
CA LEU B 401 0.17 -7.50 7.57
C LEU B 401 -0.78 -8.40 8.34
N PRO B 402 -2.08 -8.26 8.08
CA PRO B 402 -3.02 -9.10 8.84
C PRO B 402 -3.21 -10.47 8.22
N TYR B 403 -2.98 -11.51 9.01
CA TYR B 403 -3.14 -12.88 8.54
C TYR B 403 -4.59 -13.33 8.76
N ASP B 404 -5.49 -12.59 8.14
CA ASP B 404 -6.92 -12.85 8.21
C ASP B 404 -7.55 -12.18 6.98
N GLN B 405 -8.13 -13.01 6.12
CA GLN B 405 -8.66 -12.53 4.86
C GLN B 405 -9.79 -11.54 5.06
N TYR B 406 -10.56 -11.69 6.13
CA TYR B 406 -11.65 -10.73 6.44
C TYR B 406 -11.07 -9.34 6.72
N LEU B 407 -9.82 -9.29 7.20
CA LEU B 407 -9.15 -8.03 7.50
C LEU B 407 -8.43 -7.40 6.31
N TRP B 408 -8.82 -7.75 5.08
CA TRP B 408 -8.03 -7.35 3.92
C TRP B 408 -8.08 -5.83 3.70
N ARG B 409 -9.07 -5.15 4.28
CA ARG B 409 -9.13 -3.69 4.16
C ARG B 409 -8.50 -2.95 5.34
N LEU B 410 -7.93 -3.68 6.29
CA LEU B 410 -7.33 -3.01 7.44
C LEU B 410 -6.11 -2.14 7.05
N PRO B 411 -5.23 -2.61 6.14
CA PRO B 411 -4.13 -1.70 5.81
C PRO B 411 -4.56 -0.35 5.21
N ALA B 412 -5.50 -0.39 4.28
CA ALA B 412 -6.04 0.85 3.70
C ALA B 412 -6.67 1.74 4.79
N TYR B 413 -7.33 1.11 5.75
CA TYR B 413 -7.98 1.87 6.83
C TYR B 413 -6.93 2.55 7.69
N LEU B 414 -5.89 1.80 8.03
CA LEU B 414 -4.83 2.33 8.88
C LEU B 414 -3.99 3.35 8.11
N GLN B 415 -4.00 3.27 6.79
CA GLN B 415 -3.37 4.30 5.97
C GLN B 415 -3.95 5.68 6.25
N GLN B 416 -5.27 5.78 6.28
CA GLN B 416 -5.88 7.05 6.61
C GLN B 416 -5.64 7.41 8.06
N LEU B 417 -5.93 6.48 8.97
CA LEU B 417 -5.79 6.75 10.40
C LEU B 417 -4.42 7.29 10.74
N ASP B 418 -3.38 6.61 10.26
CA ASP B 418 -2.00 7.01 10.57
C ASP B 418 -1.51 8.20 9.73
N MET B 419 -1.60 8.09 8.40
CA MET B 419 -0.98 9.09 7.53
C MET B 419 -1.75 10.42 7.51
N GLU B 420 -3.08 10.38 7.59
CA GLU B 420 -3.80 11.65 7.62
C GLU B 420 -3.68 12.31 8.99
N SER B 421 -3.50 11.51 10.05
CA SER B 421 -3.28 12.09 11.36
C SER B 421 -1.90 12.72 11.49
N ASN B 422 -0.87 11.96 11.15
CA ASN B 422 0.49 12.36 11.54
C ASN B 422 1.41 12.71 10.36
N GLY B 423 0.85 12.78 9.16
CA GLY B 423 1.62 13.28 8.01
C GLY B 423 1.64 14.80 8.04
N LYS B 424 2.41 15.34 8.98
CA LYS B 424 2.43 16.78 9.26
C LYS B 424 3.86 17.31 9.31
N GLY B 425 4.03 18.59 9.00
CA GLY B 425 5.35 19.19 8.95
C GLY B 425 5.51 20.35 9.90
N ALA B 426 4.38 20.84 10.43
CA ALA B 426 4.40 21.97 11.35
C ALA B 426 3.84 21.54 12.71
N THR B 427 4.39 22.12 13.77
CA THR B 427 3.98 21.83 15.14
C THR B 427 2.82 22.71 15.59
N LYS B 428 2.23 22.35 16.73
CA LYS B 428 1.15 23.15 17.30
C LYS B 428 1.64 24.49 17.81
N ASN B 429 2.95 24.63 18.04
CA ASN B 429 3.49 25.92 18.48
C ASN B 429 4.06 26.74 17.33
N GLY B 430 3.70 26.38 16.10
CA GLY B 430 4.02 27.19 14.93
C GLY B 430 5.44 27.07 14.38
N ARG B 431 6.10 25.96 14.66
CA ARG B 431 7.47 25.73 14.18
C ARG B 431 7.49 24.59 13.16
N MET B 432 8.60 24.42 12.45
CA MET B 432 8.71 23.23 11.61
C MET B 432 9.33 22.12 12.44
N VAL B 433 8.91 20.89 12.16
CA VAL B 433 9.48 19.74 12.87
C VAL B 433 10.97 19.59 12.52
N SER B 434 11.74 19.05 13.47
CA SER B 434 13.15 18.71 13.27
C SER B 434 13.35 17.20 13.27
N THR B 435 12.25 16.47 13.35
CA THR B 435 12.27 14.99 13.39
C THR B 435 11.26 14.49 12.36
N HIS B 436 11.43 13.26 11.90
CA HIS B 436 10.42 12.66 11.02
C HIS B 436 9.07 12.50 11.72
N THR B 437 7.97 12.70 10.99
CA THR B 437 6.66 12.44 11.57
C THR B 437 6.10 11.15 10.97
N GLY B 438 4.79 11.09 10.73
CA GLY B 438 4.17 9.81 10.36
C GLY B 438 4.82 9.08 9.20
N PRO B 439 4.94 7.74 9.30
CA PRO B 439 5.47 6.94 8.19
C PRO B 439 4.43 6.61 7.13
N ILE B 440 4.91 6.11 6.00
CA ILE B 440 4.04 5.60 4.95
C ILE B 440 3.55 4.20 5.32
N ILE B 441 2.23 4.03 5.34
CA ILE B 441 1.63 2.74 5.65
C ILE B 441 1.37 1.94 4.38
N PHE B 442 1.69 0.65 4.37
CA PHE B 442 1.29 -0.23 3.27
C PHE B 442 1.06 -1.65 3.80
N GLY B 443 0.43 -2.52 3.00
CA GLY B 443 0.26 -3.90 3.43
C GLY B 443 -0.84 -4.62 2.65
N GLU B 444 -0.83 -5.95 2.73
CA GLU B 444 -1.87 -6.80 2.18
C GLU B 444 -2.06 -7.93 3.17
N ALA B 445 -3.21 -8.59 3.13
CA ALA B 445 -3.43 -9.72 4.03
C ALA B 445 -2.45 -10.85 3.73
N GLY B 446 -2.01 -11.52 4.79
CA GLY B 446 -1.18 -12.70 4.63
C GLY B 446 -2.08 -13.91 4.51
N THR B 447 -1.64 -14.96 3.84
CA THR B 447 -0.28 -15.11 3.34
C THR B 447 0.04 -14.46 1.99
N ASN B 448 -0.94 -13.86 1.33
CA ASN B 448 -0.76 -13.36 -0.03
C ASN B 448 0.48 -12.47 -0.23
N GLY B 449 0.75 -11.61 0.74
CA GLY B 449 1.88 -10.70 0.63
C GLY B 449 3.21 -11.40 0.48
N GLN B 450 3.33 -12.58 1.10
CA GLN B 450 4.55 -13.40 1.05
C GLN B 450 4.94 -13.72 -0.38
N HIS B 451 3.94 -13.82 -1.23
CA HIS B 451 4.12 -14.17 -2.63
C HIS B 451 4.09 -12.96 -3.55
N ALA B 452 4.15 -11.77 -2.97
CA ALA B 452 4.07 -10.56 -3.77
C ALA B 452 5.26 -9.65 -3.49
N PHE B 453 5.39 -9.19 -2.26
CA PHE B 453 6.43 -8.20 -1.95
C PHE B 453 7.34 -8.53 -0.77
N TYR B 454 7.14 -9.66 -0.08
CA TYR B 454 8.04 -9.94 1.07
C TYR B 454 9.46 -10.19 0.59
N GLN B 455 9.63 -10.59 -0.66
CA GLN B 455 10.95 -10.66 -1.26
C GLN B 455 11.79 -9.43 -0.91
N LEU B 456 11.23 -8.24 -1.13
CA LEU B 456 11.91 -7.00 -0.82
C LEU B 456 12.11 -6.84 0.70
N ILE B 457 11.08 -7.16 1.49
CA ILE B 457 11.18 -7.02 2.94
C ILE B 457 12.35 -7.86 3.47
N HIS B 458 12.53 -9.05 2.91
CA HIS B 458 13.64 -9.95 3.31
C HIS B 458 15.01 -9.59 2.74
N GLN B 459 15.06 -9.16 1.48
CA GLN B 459 16.36 -9.05 0.83
C GLN B 459 16.73 -7.68 0.26
N GLY B 460 15.82 -6.72 0.36
CA GLY B 460 16.08 -5.40 -0.19
C GLY B 460 16.94 -4.50 0.69
N THR B 461 17.04 -3.23 0.31
CA THR B 461 17.95 -2.28 0.97
C THR B 461 17.23 -1.35 1.94
N LYS B 462 15.97 -1.61 2.21
CA LYS B 462 15.24 -0.77 3.15
C LYS B 462 14.82 -1.59 4.37
N LEU B 463 14.94 -1.01 5.56
CA LEU B 463 14.44 -1.62 6.78
C LEU B 463 12.97 -1.27 6.95
N ILE B 464 12.14 -2.29 7.05
CA ILE B 464 10.70 -2.07 7.09
C ILE B 464 10.07 -2.69 8.34
N PRO B 465 9.71 -1.85 9.33
CA PRO B 465 8.97 -2.36 10.49
C PRO B 465 7.68 -3.03 10.06
N CYS B 466 7.40 -4.22 10.58
CA CYS B 466 6.18 -4.94 10.19
C CYS B 466 5.33 -5.27 11.40
N ASP B 467 4.05 -4.91 11.36
CA ASP B 467 3.07 -5.42 12.31
C ASP B 467 2.36 -6.64 11.73
N PHE B 468 2.65 -7.82 12.26
CA PHE B 468 1.95 -9.05 11.90
C PHE B 468 0.76 -9.21 12.83
N ILE B 469 -0.43 -9.32 12.26
CA ILE B 469 -1.67 -9.40 13.05
C ILE B 469 -2.42 -10.69 12.76
N GLY B 470 -2.76 -11.46 13.79
CA GLY B 470 -3.50 -12.71 13.58
C GLY B 470 -4.46 -13.12 14.68
N ALA B 471 -5.27 -14.13 14.37
CA ALA B 471 -6.21 -14.73 15.33
C ALA B 471 -5.84 -16.19 15.57
N ILE B 472 -5.87 -16.62 16.83
CA ILE B 472 -5.57 -17.99 17.16
CA ILE B 472 -5.59 -18.00 17.19
C ILE B 472 -6.64 -18.94 16.59
N GLN B 473 -7.88 -18.50 16.57
CA GLN B 473 -8.98 -19.30 16.09
C GLN B 473 -9.62 -18.73 14.83
N THR B 474 -9.99 -19.61 13.90
CA THR B 474 -10.71 -19.19 12.68
C THR B 474 -12.23 -19.21 12.87
N GLN B 475 -12.94 -18.40 12.07
CA GLN B 475 -14.39 -18.52 12.02
C GLN B 475 -14.84 -19.54 10.97
N ASN B 476 -13.91 -19.99 10.13
CA ASN B 476 -14.24 -20.92 9.06
C ASN B 476 -13.36 -22.17 9.11
N TYR B 477 -13.85 -23.22 9.78
CA TYR B 477 -13.03 -24.43 9.94
C TYR B 477 -13.09 -25.26 8.66
N ILE B 478 -11.95 -25.42 8.00
CA ILE B 478 -11.85 -26.33 6.85
C ILE B 478 -10.45 -26.93 6.77
N GLY B 479 -10.38 -28.26 6.67
CA GLY B 479 -9.11 -28.97 6.63
C GLY B 479 -8.08 -28.46 7.64
N GLU B 480 -6.86 -28.27 7.18
CA GLU B 480 -5.78 -27.77 8.03
C GLU B 480 -5.42 -26.33 7.65
N HIS B 481 -6.35 -25.63 6.99
CA HIS B 481 -6.04 -24.31 6.47
C HIS B 481 -5.55 -23.32 7.54
N HIS B 482 -6.17 -23.33 8.72
CA HIS B 482 -5.81 -22.32 9.70
C HIS B 482 -4.44 -22.62 10.31
N ARG B 483 -4.13 -23.89 10.50
CA ARG B 483 -2.82 -24.26 11.02
C ARG B 483 -1.74 -23.87 10.00
N ILE B 484 -1.99 -24.12 8.72
CA ILE B 484 -1.04 -23.72 7.69
C ILE B 484 -0.87 -22.21 7.66
N LEU B 485 -1.99 -21.50 7.72
CA LEU B 485 -1.98 -20.03 7.78
C LEU B 485 -1.08 -19.53 8.91
N MET B 486 -1.32 -20.04 10.11
CA MET B 486 -0.57 -19.55 11.26
C MET B 486 0.87 -20.07 11.31
N SER B 487 1.16 -21.20 10.67
CA SER B 487 2.57 -21.63 10.56
C SER B 487 3.36 -20.58 9.78
N ASN B 488 2.74 -19.98 8.77
CA ASN B 488 3.38 -18.87 8.05
C ASN B 488 3.51 -17.60 8.89
N PHE B 489 2.49 -17.31 9.70
CA PHE B 489 2.48 -16.12 10.54
C PHE B 489 3.69 -16.14 11.48
N PHE B 490 3.91 -17.30 12.11
CA PHE B 490 5.04 -17.44 13.04
C PHE B 490 6.39 -17.55 12.31
N ALA B 491 6.41 -18.24 11.17
CA ALA B 491 7.66 -18.45 10.44
C ALA B 491 8.24 -17.17 9.83
N GLN B 492 7.37 -16.27 9.34
CA GLN B 492 7.86 -15.08 8.65
C GLN B 492 8.62 -14.15 9.60
N THR B 493 8.12 -13.98 10.81
CA THR B 493 8.80 -13.13 11.77
C THR B 493 10.09 -13.78 12.24
N GLU B 494 10.07 -15.11 12.38
CA GLU B 494 11.30 -15.83 12.71
C GLU B 494 12.33 -15.59 11.61
N ALA B 495 11.90 -15.78 10.36
CA ALA B 495 12.80 -15.63 9.21
C ALA B 495 13.40 -14.22 9.11
N LEU B 496 12.57 -13.20 9.28
CA LEU B 496 13.04 -11.81 9.23
C LEU B 496 14.13 -11.57 10.27
N MET B 497 13.95 -12.15 11.45
CA MET B 497 14.90 -11.93 12.53
C MET B 497 16.20 -12.71 12.34
N ILE B 498 16.09 -14.01 12.03
CA ILE B 498 17.27 -14.86 12.09
C ILE B 498 18.04 -14.92 10.78
N GLY B 499 17.38 -14.68 9.65
CA GLY B 499 18.09 -14.68 8.38
C GLY B 499 18.73 -16.03 8.08
N LYS B 500 19.78 -16.01 7.28
CA LYS B 500 20.49 -17.22 6.89
C LYS B 500 21.87 -16.83 6.42
N THR B 501 22.90 -17.31 7.11
CA THR B 501 24.27 -16.87 6.87
C THR B 501 24.84 -17.39 5.55
N PRO B 502 25.87 -16.68 5.01
CA PRO B 502 26.63 -17.18 3.86
C PRO B 502 27.16 -18.60 4.06
N GLU B 503 27.61 -18.93 5.27
CA GLU B 503 28.09 -20.28 5.55
C GLU B 503 26.97 -21.32 5.42
N GLU B 504 25.80 -21.04 6.00
CA GLU B 504 24.64 -21.92 5.82
C GLU B 504 24.27 -22.11 4.35
N VAL B 505 24.23 -21.01 3.60
CA VAL B 505 23.87 -21.07 2.18
C VAL B 505 24.89 -21.89 1.39
N LYS B 506 26.17 -21.68 1.69
CA LYS B 506 27.24 -22.38 0.98
C LYS B 506 27.11 -23.89 1.17
N ARG B 507 26.85 -24.30 2.42
CA ARG B 507 26.65 -25.72 2.72
C ARG B 507 25.46 -26.28 1.95
N GLU B 508 24.37 -25.53 1.88
CA GLU B 508 23.18 -26.00 1.19
C GLU B 508 23.44 -26.15 -0.32
N LEU B 509 24.13 -25.17 -0.90
CA LEU B 509 24.44 -25.23 -2.33
C LEU B 509 25.34 -26.41 -2.67
N GLU B 510 26.30 -26.69 -1.80
CA GLU B 510 27.22 -27.80 -2.02
C GLU B 510 26.53 -29.15 -1.85
N SER B 511 25.60 -29.21 -0.90
CA SER B 511 24.84 -30.43 -0.64
CA SER B 511 24.84 -30.42 -0.65
C SER B 511 23.86 -30.71 -1.78
N ALA B 512 23.38 -29.65 -2.43
CA ALA B 512 22.47 -29.81 -3.55
C ALA B 512 23.23 -30.29 -4.78
N GLY B 513 24.47 -29.83 -4.91
CA GLY B 513 25.33 -30.26 -6.00
C GLY B 513 24.90 -29.71 -7.35
N GLY B 514 25.64 -30.09 -8.40
CA GLY B 514 25.29 -29.70 -9.75
C GLY B 514 25.79 -28.34 -10.18
N LYS B 515 26.65 -27.73 -9.37
CA LYS B 515 27.16 -26.40 -9.66
C LYS B 515 28.68 -26.32 -9.49
N SER B 516 29.32 -25.51 -10.32
CA SER B 516 30.77 -25.31 -10.24
C SER B 516 31.13 -24.44 -9.05
N GLU B 517 32.40 -24.45 -8.66
CA GLU B 517 32.86 -23.66 -7.53
C GLU B 517 32.58 -22.18 -7.77
N ASP B 518 32.80 -21.75 -9.01
CA ASP B 518 32.58 -20.34 -9.36
C ASP B 518 31.10 -20.00 -9.38
N GLU B 519 30.28 -20.92 -9.87
CA GLU B 519 28.84 -20.74 -9.92
C GLU B 519 28.25 -20.59 -8.51
N ILE B 520 28.71 -21.45 -7.61
CA ILE B 520 28.28 -21.38 -6.22
C ILE B 520 28.73 -20.06 -5.60
N GLN B 521 29.95 -19.64 -5.90
CA GLN B 521 30.49 -18.41 -5.34
C GLN B 521 29.64 -17.18 -5.70
N LEU B 522 29.21 -17.11 -6.96
CA LEU B 522 28.33 -16.03 -7.39
C LEU B 522 26.99 -16.10 -6.66
N LEU B 523 26.49 -17.31 -6.47
CA LEU B 523 25.13 -17.52 -6.00
C LEU B 523 24.95 -17.30 -4.49
N ILE B 524 25.99 -17.56 -3.70
CA ILE B 524 25.88 -17.47 -2.24
C ILE B 524 25.28 -16.13 -1.71
N PRO B 525 25.85 -14.96 -2.08
CA PRO B 525 25.25 -13.74 -1.52
C PRO B 525 23.83 -13.47 -2.00
N GLN B 526 23.48 -14.00 -3.17
CA GLN B 526 22.15 -13.79 -3.73
C GLN B 526 21.08 -14.60 -2.96
N LYS B 527 21.54 -15.66 -2.28
CA LYS B 527 20.64 -16.49 -1.47
C LYS B 527 20.81 -16.25 0.03
N THR B 528 21.70 -15.34 0.38
CA THR B 528 21.92 -15.00 1.78
C THR B 528 20.83 -14.05 2.28
N PHE B 529 20.43 -14.23 3.54
CA PHE B 529 19.50 -13.34 4.21
C PHE B 529 20.22 -12.63 5.34
N THR B 530 20.22 -11.29 5.36
CA THR B 530 20.89 -10.59 6.46
C THR B 530 20.26 -10.90 7.82
N GLY B 531 18.96 -11.15 7.83
CA GLY B 531 18.22 -11.19 9.08
C GLY B 531 18.32 -9.85 9.79
N GLY B 532 18.02 -9.83 11.08
CA GLY B 532 18.05 -8.58 11.83
C GLY B 532 16.97 -7.62 11.40
N ARG B 533 15.91 -8.14 10.79
CA ARG B 533 14.82 -7.30 10.32
C ARG B 533 13.62 -7.47 11.24
N PRO B 534 13.06 -6.35 11.72
CA PRO B 534 12.17 -6.39 12.89
C PRO B 534 10.71 -6.67 12.58
N SER B 535 9.99 -7.11 13.62
CA SER B 535 8.55 -7.26 13.53
C SER B 535 7.91 -7.16 14.91
N ASN B 536 6.65 -6.74 14.93
CA ASN B 536 5.75 -6.94 16.07
C ASN B 536 4.77 -8.04 15.71
N SER B 537 4.47 -8.93 16.66
CA SER B 537 3.39 -9.89 16.45
C SER B 537 2.24 -9.56 17.39
N LEU B 538 1.06 -9.36 16.79
CA LEU B 538 -0.18 -9.07 17.49
C LEU B 538 -1.14 -10.22 17.31
N LEU B 539 -1.64 -10.78 18.42
CA LEU B 539 -2.60 -11.88 18.38
C LEU B 539 -3.87 -11.56 19.15
N VAL B 540 -5.02 -11.97 18.60
CA VAL B 540 -6.26 -12.04 19.35
C VAL B 540 -6.69 -13.51 19.41
N LYS B 541 -7.57 -13.88 20.34
CA LYS B 541 -8.03 -15.26 20.39
C LYS B 541 -8.85 -15.57 19.15
N ALA B 542 -9.65 -14.59 18.75
CA ALA B 542 -10.59 -14.74 17.63
C ALA B 542 -10.99 -13.35 17.19
N LEU B 543 -11.20 -13.15 15.90
CA LEU B 543 -11.53 -11.81 15.42
C LEU B 543 -13.03 -11.59 15.51
N THR B 544 -13.50 -11.35 16.73
CA THR B 544 -14.88 -11.03 17.03
C THR B 544 -15.07 -9.51 16.93
N PRO B 545 -16.34 -9.04 16.95
CA PRO B 545 -16.56 -7.57 16.99
C PRO B 545 -15.79 -6.88 18.11
N ARG B 546 -15.76 -7.49 19.29
CA ARG B 546 -15.04 -6.92 20.42
C ARG B 546 -13.55 -6.82 20.16
N ALA B 547 -12.97 -7.87 19.59
CA ALA B 547 -11.53 -7.87 19.29
C ALA B 547 -11.20 -6.81 18.24
N LEU B 548 -12.02 -6.67 17.20
CA LEU B 548 -11.78 -5.66 16.19
C LEU B 548 -11.82 -4.26 16.81
N GLY B 549 -12.79 -4.03 17.69
CA GLY B 549 -12.88 -2.76 18.39
C GLY B 549 -11.62 -2.43 19.15
N ALA B 550 -11.10 -3.42 19.86
CA ALA B 550 -9.86 -3.24 20.62
C ALA B 550 -8.66 -2.94 19.74
N ILE B 551 -8.54 -3.66 18.62
CA ILE B 551 -7.44 -3.45 17.68
C ILE B 551 -7.45 -2.05 17.07
N ILE B 552 -8.62 -1.60 16.62
CA ILE B 552 -8.69 -0.26 16.04
C ILE B 552 -8.36 0.82 17.07
N ALA B 553 -8.96 0.75 18.25
CA ALA B 553 -8.68 1.72 19.32
C ALA B 553 -7.19 1.71 19.68
N MET B 554 -6.59 0.53 19.69
CA MET B 554 -5.16 0.39 19.96
C MET B 554 -4.33 1.24 19.00
N TYR B 555 -4.64 1.17 17.70
CA TYR B 555 -3.92 1.98 16.72
C TYR B 555 -4.28 3.47 16.81
N GLU B 556 -5.51 3.79 17.16
CA GLU B 556 -5.89 5.20 17.39
C GLU B 556 -4.98 5.79 18.47
N HIS B 557 -4.73 4.99 19.49
CA HIS B 557 -3.96 5.50 20.63
C HIS B 557 -2.46 5.52 20.35
N LYS B 558 -1.97 4.57 19.54
CA LYS B 558 -0.58 4.62 19.06
C LYS B 558 -0.34 5.92 18.31
N VAL B 559 -1.25 6.24 17.41
CA VAL B 559 -1.16 7.45 16.63
C VAL B 559 -1.18 8.69 17.54
N LEU B 560 -2.03 8.66 18.58
CA LEU B 560 -2.10 9.76 19.54
C LEU B 560 -0.75 9.98 20.20
N VAL B 561 -0.14 8.90 20.69
CA VAL B 561 1.10 9.03 21.42
C VAL B 561 2.22 9.56 20.51
N GLN B 562 2.33 9.02 19.30
CA GLN B 562 3.38 9.46 18.38
C GLN B 562 3.24 10.93 18.00
N GLY B 563 2.02 11.36 17.67
CA GLY B 563 1.76 12.76 17.35
C GLY B 563 2.13 13.69 18.50
N ALA B 564 1.76 13.29 19.71
CA ALA B 564 2.01 14.11 20.89
C ALA B 564 3.51 14.22 21.18
N ILE B 565 4.23 13.14 20.98
CA ILE B 565 5.69 13.16 21.16
C ILE B 565 6.33 14.08 20.12
N TRP B 566 5.84 14.01 18.87
CA TRP B 566 6.39 14.85 17.80
C TRP B 566 5.95 16.32 17.89
N GLY B 567 4.94 16.61 18.71
CA GLY B 567 4.48 17.97 18.91
C GLY B 567 3.52 18.47 17.83
N ILE B 568 2.99 17.54 17.04
CA ILE B 568 2.09 17.89 15.94
C ILE B 568 0.61 17.68 16.32
N ASN B 569 -0.29 18.19 15.48
CA ASN B 569 -1.72 18.01 15.70
C ASN B 569 -2.20 16.78 14.93
N SER B 570 -2.52 15.70 15.65
CA SER B 570 -2.96 14.46 14.99
C SER B 570 -4.37 14.54 14.43
N TYR B 571 -5.08 15.66 14.66
CA TYR B 571 -6.54 15.64 14.50
C TYR B 571 -7.10 16.63 13.49
N ASP B 572 -6.22 17.41 12.85
CA ASP B 572 -6.67 18.23 11.71
C ASP B 572 -6.18 17.62 10.39
N GLN B 573 -6.52 18.26 9.27
CA GLN B 573 -6.09 17.77 7.96
C GLN B 573 -6.07 18.91 6.93
N TRP B 574 -5.18 19.86 7.17
CA TRP B 574 -5.09 21.04 6.33
C TRP B 574 -4.57 20.73 4.93
N GLY B 575 -3.86 19.61 4.82
CA GLY B 575 -3.11 19.27 3.63
C GLY B 575 -3.98 18.85 2.46
N VAL B 576 -5.28 18.72 2.68
CA VAL B 576 -6.18 18.36 1.58
C VAL B 576 -6.85 19.58 0.94
N GLU B 577 -6.65 20.77 1.52
CA GLU B 577 -7.39 21.93 1.08
C GLU B 577 -6.92 22.50 -0.26
N LEU B 578 -5.61 22.52 -0.49
CA LEU B 578 -5.04 23.07 -1.71
C LEU B 578 -5.55 22.33 -2.95
N GLY B 579 -5.53 21.00 -2.90
CA GLY B 579 -6.07 20.22 -4.01
C GLY B 579 -7.52 20.47 -4.36
N LYS B 580 -8.36 20.61 -3.34
CA LYS B 580 -9.78 20.88 -3.58
C LYS B 580 -9.98 22.23 -4.26
N LEU B 581 -9.22 23.22 -3.82
CA LEU B 581 -9.33 24.57 -4.36
C LEU B 581 -8.87 24.62 -5.81
N LEU B 582 -7.74 23.97 -6.08
CA LEU B 582 -7.20 23.96 -7.44
C LEU B 582 -8.09 23.16 -8.38
N ALA B 583 -8.76 22.12 -7.87
CA ALA B 583 -9.65 21.31 -8.72
C ALA B 583 -10.91 22.06 -9.10
N LYS B 584 -11.40 22.92 -8.19
CA LYS B 584 -12.59 23.71 -8.55
C LYS B 584 -12.32 24.63 -9.74
N SER B 585 -11.14 25.23 -9.78
CA SER B 585 -10.80 26.13 -10.88
C SER B 585 -10.59 25.34 -12.17
N ILE B 586 -9.91 24.20 -12.09
CA ILE B 586 -9.68 23.40 -13.28
C ILE B 586 -10.99 22.84 -13.85
N LEU B 587 -11.94 22.49 -12.99
CA LEU B 587 -13.21 21.91 -13.47
C LEU B 587 -13.88 22.85 -14.44
N LEU B 588 -13.86 24.14 -14.12
CA LEU B 588 -14.49 25.16 -14.97
C LEU B 588 -13.82 25.26 -16.34
N GLN B 589 -12.57 24.80 -16.40
CA GLN B 589 -11.79 24.88 -17.63
C GLN B 589 -11.85 23.58 -18.45
N LEU B 590 -12.50 22.56 -17.93
CA LEU B 590 -12.61 21.31 -18.68
C LEU B 590 -13.82 21.39 -19.60
N GLN B 591 -13.59 21.99 -20.76
CA GLN B 591 -14.61 22.12 -21.80
C GLN B 591 -13.95 21.80 -23.14
N PRO B 592 -14.65 21.07 -24.00
CA PRO B 592 -14.04 20.69 -25.29
C PRO B 592 -13.52 21.89 -26.07
N GLY B 593 -12.28 21.80 -26.53
CA GLY B 593 -11.67 22.86 -27.32
C GLY B 593 -11.29 24.13 -26.57
N GLN B 594 -11.34 24.11 -25.24
CA GLN B 594 -10.93 25.29 -24.47
C GLN B 594 -9.42 25.34 -24.33
N LYS B 595 -8.83 26.48 -24.68
CA LYS B 595 -7.41 26.72 -24.51
C LYS B 595 -7.18 27.28 -23.12
N VAL B 596 -6.06 26.92 -22.51
CA VAL B 596 -5.78 27.22 -21.12
C VAL B 596 -4.33 27.69 -21.01
N THR B 597 -4.11 28.86 -20.41
CA THR B 597 -2.77 29.45 -20.36
C THR B 597 -2.35 29.97 -18.98
N ASN B 598 -3.22 29.85 -17.99
CA ASN B 598 -2.98 30.56 -16.72
C ASN B 598 -2.22 29.74 -15.69
N HIS B 599 -1.99 28.46 -15.96
CA HIS B 599 -1.19 27.63 -15.05
C HIS B 599 0.27 27.52 -15.54
N ASP B 600 1.07 26.72 -14.85
CA ASP B 600 2.35 26.23 -15.35
C ASP B 600 2.14 25.47 -16.66
N SER B 601 3.20 25.30 -17.45
CA SER B 601 3.02 24.72 -18.78
C SER B 601 2.56 23.25 -18.74
N SER B 602 2.88 22.53 -17.66
CA SER B 602 2.44 21.14 -17.56
C SER B 602 0.94 21.04 -17.33
N THR B 603 0.46 21.74 -16.31
CA THR B 603 -0.96 21.78 -16.04
C THR B 603 -1.73 22.30 -17.28
N ASN B 604 -1.22 23.36 -17.93
CA ASN B 604 -1.84 23.88 -19.16
C ASN B 604 -1.91 22.81 -20.25
N GLY B 605 -0.78 22.14 -20.45
CA GLY B 605 -0.66 21.12 -21.49
C GLY B 605 -1.54 19.90 -21.26
N LEU B 606 -1.61 19.45 -20.01
CA LEU B 606 -2.46 18.32 -19.66
C LEU B 606 -3.95 18.63 -19.85
N ILE B 607 -4.37 19.80 -19.38
CA ILE B 607 -5.77 20.22 -19.57
C ILE B 607 -6.10 20.33 -21.06
N GLU B 608 -5.18 20.89 -21.84
CA GLU B 608 -5.44 21.07 -23.27
C GLU B 608 -5.50 19.74 -24.00
N LEU B 609 -4.65 18.80 -23.59
CA LEU B 609 -4.71 17.44 -24.10
C LEU B 609 -6.10 16.83 -23.84
N PHE B 610 -6.58 16.96 -22.60
CA PHE B 610 -7.91 16.50 -22.21
C PHE B 610 -8.98 17.19 -23.04
N ASN B 611 -8.87 18.51 -23.17
CA ASN B 611 -9.90 19.28 -23.88
C ASN B 611 -9.93 19.02 -25.37
N GLU B 612 -8.81 18.50 -25.90
CA GLU B 612 -8.71 18.25 -27.34
C GLU B 612 -9.09 16.81 -27.70
N ARG B 613 -8.99 15.90 -26.74
CA ARG B 613 -9.22 14.50 -27.08
C ARG B 613 -10.41 13.87 -26.34
N SER B 614 -11.02 14.62 -25.44
CA SER B 614 -12.10 14.10 -24.58
C SER B 614 -13.28 13.53 -25.38
N HIS B 615 -13.39 13.91 -26.65
CA HIS B 615 -14.33 13.27 -27.59
C HIS B 615 -13.79 13.28 -29.01
#